data_4XE3
#
_entry.id   4XE3
#
_cell.length_a   115.937
_cell.length_b   117.379
_cell.length_c   174.664
_cell.angle_alpha   90.000
_cell.angle_beta   90.000
_cell.angle_gamma   90.000
#
_symmetry.space_group_name_H-M   'C 2 2 21'
#
loop_
_entity.id
_entity.type
_entity.pdbx_description
1 polymer 'Cytochrome P-450'
2 non-polymer 'PROTOPORPHYRIN IX CONTAINING FE'
3 non-polymer 1-[(2-CHLOROPHENYL)(DIPHENYL)METHYL]-1H-IMIDAZOLE
4 non-polymer 'SULFATE ION'
5 water water
#
_entity_poly.entity_id   1
_entity_poly.type   'polypeptide(L)'
_entity_poly.pdbx_seq_one_letter_code
;MTDTHTGPTPADAVPAYPFSLPHALDLDPHYAELRRDEPVSRVRLPYGEGTAWLVTRMSDARIVLGDSRFSTAAATDPAT
PRMFPTPPEPDGVLAQDPPDHTRLRRLVGKAFTARRVEEMRPRVRSLVDSLLDDMVAHGSPADLVEFLAVPFPVAVICEL
LGVPLEDRDLFRTFSDAMLSSTRLTAAEIQRVQQDFMVYMDGLVAQRRDAPTEDLLGALALATDNDDHLTKGEIVNMGVS
LLIAGHETSVNQITNLVHLLLTERKRYESLVADPALVPAAVEEMLRYTPLVSAGSFVRVATEDVELSTVTVRAGEPCVVH
FASANRDEEVFDHADELDFHRERNPHIAFGHGAHHCIGAQLGRLELQEALSALVRRFPTLDLAEPVAGLKWKQGMLIRGL
ERQIVSW
;
_entity_poly.pdbx_strand_id   A,B
#
loop_
_chem_comp.id
_chem_comp.type
_chem_comp.name
_chem_comp.formula
CL6 non-polymer 1-[(2-CHLOROPHENYL)(DIPHENYL)METHYL]-1H-IMIDAZOLE 'C22 H17 Cl N2'
HEM non-polymer 'PROTOPORPHYRIN IX CONTAINING FE' 'C34 H32 Fe N4 O4'
SO4 non-polymer 'SULFATE ION' 'O4 S -2'
#
# COMPACT_ATOMS: atom_id res chain seq x y z
N VAL A 14 -27.21 3.51 -30.40
CA VAL A 14 -28.30 2.52 -30.73
C VAL A 14 -28.61 1.72 -29.45
N PRO A 15 -27.79 0.70 -29.11
CA PRO A 15 -28.29 -0.21 -28.06
C PRO A 15 -28.47 0.45 -26.69
N ALA A 16 -29.57 0.07 -26.02
CA ALA A 16 -29.88 0.46 -24.63
C ALA A 16 -28.82 -0.16 -23.75
N TYR A 17 -28.27 0.55 -22.77
CA TYR A 17 -27.02 0.04 -22.19
C TYR A 17 -27.19 -1.14 -21.29
N PRO A 18 -27.82 -0.99 -20.12
CA PRO A 18 -27.76 -2.32 -19.52
C PRO A 18 -28.43 -3.32 -20.48
N PHE A 19 -27.61 -4.10 -21.18
CA PHE A 19 -28.07 -5.06 -22.18
C PHE A 19 -28.99 -6.11 -21.58
N SER A 20 -28.93 -6.27 -20.26
CA SER A 20 -29.72 -7.26 -19.58
C SER A 20 -29.66 -7.08 -18.07
N LEU A 21 -30.63 -7.65 -17.40
CA LEU A 21 -30.52 -7.79 -15.97
C LEU A 21 -29.63 -9.01 -15.68
N PRO A 22 -28.77 -8.88 -14.67
CA PRO A 22 -27.81 -9.88 -14.25
C PRO A 22 -28.38 -11.21 -13.88
N HIS A 23 -27.83 -12.28 -14.45
CA HIS A 23 -28.03 -13.56 -13.86
C HIS A 23 -26.78 -14.01 -13.11
N ALA A 24 -26.92 -14.19 -11.83
CA ALA A 24 -25.91 -14.74 -10.96
C ALA A 24 -24.64 -13.90 -11.04
N LEU A 25 -23.45 -14.52 -11.22
CA LEU A 25 -22.21 -13.76 -11.50
C LEU A 25 -21.80 -13.86 -12.96
N ASP A 26 -22.79 -14.04 -13.80
CA ASP A 26 -22.56 -14.30 -15.21
C ASP A 26 -22.43 -13.00 -15.95
N LEU A 27 -21.50 -12.92 -16.89
CA LEU A 27 -21.41 -11.73 -17.76
C LEU A 27 -22.25 -11.84 -19.02
N ASP A 28 -22.96 -10.76 -19.33
CA ASP A 28 -23.65 -10.66 -20.60
C ASP A 28 -22.57 -10.99 -21.67
N PRO A 29 -22.90 -11.90 -22.59
CA PRO A 29 -21.99 -12.26 -23.65
C PRO A 29 -21.63 -11.12 -24.61
N HIS A 30 -22.32 -9.99 -24.59
CA HIS A 30 -21.93 -8.93 -25.54
C HIS A 30 -20.63 -8.18 -25.19
N TYR A 31 -20.25 -8.12 -23.90
CA TYR A 31 -18.96 -7.49 -23.53
C TYR A 31 -17.74 -8.15 -24.17
N ALA A 32 -17.77 -9.47 -24.31
CA ALA A 32 -16.67 -10.17 -24.92
C ALA A 32 -16.64 -9.90 -26.41
N GLU A 33 -17.80 -9.96 -27.06
CA GLU A 33 -17.95 -9.62 -28.46
C GLU A 33 -17.46 -8.20 -28.70
N LEU A 34 -17.97 -7.24 -27.94
CA LEU A 34 -17.43 -5.88 -28.02
C LEU A 34 -15.94 -5.78 -27.77
N ARG A 35 -15.45 -6.45 -26.74
CA ARG A 35 -14.04 -6.41 -26.47
C ARG A 35 -13.18 -6.79 -27.73
N ARG A 36 -13.59 -7.76 -28.54
CA ARG A 36 -12.82 -8.08 -29.76
C ARG A 36 -13.21 -7.22 -30.93
N ASP A 37 -14.51 -6.90 -31.06
CA ASP A 37 -15.02 -6.23 -32.25
C ASP A 37 -15.22 -4.69 -32.18
N GLU A 38 -15.65 -4.18 -31.04
CA GLU A 38 -15.92 -2.75 -30.90
C GLU A 38 -15.68 -2.37 -29.46
N PRO A 39 -14.41 -2.28 -29.09
CA PRO A 39 -13.99 -2.11 -27.72
C PRO A 39 -14.57 -0.88 -27.11
N VAL A 40 -14.76 0.12 -27.95
CA VAL A 40 -15.36 1.38 -27.57
C VAL A 40 -16.61 1.51 -28.42
N SER A 41 -17.77 1.60 -27.77
CA SER A 41 -19.04 1.36 -28.45
C SER A 41 -20.10 2.34 -27.96
N ARG A 42 -20.93 2.85 -28.87
CA ARG A 42 -22.01 3.76 -28.47
C ARG A 42 -23.16 3.02 -27.82
N VAL A 43 -23.71 3.61 -26.74
CA VAL A 43 -24.86 3.06 -26.02
C VAL A 43 -25.70 4.19 -25.44
N ARG A 44 -26.97 3.87 -25.17
CA ARG A 44 -27.89 4.84 -24.60
C ARG A 44 -28.23 4.36 -23.21
N LEU A 45 -27.86 5.14 -22.21
CA LEU A 45 -28.21 4.83 -20.83
C LEU A 45 -29.64 5.28 -20.52
N PRO A 46 -30.26 4.62 -19.53
CA PRO A 46 -31.64 4.85 -19.10
C PRO A 46 -32.10 6.31 -19.12
N TYR A 47 -31.33 7.18 -18.49
CA TYR A 47 -31.74 8.56 -18.29
C TYR A 47 -30.62 9.49 -18.76
N GLY A 48 -30.80 10.79 -18.58
CA GLY A 48 -29.90 11.77 -19.17
C GLY A 48 -30.09 11.73 -20.67
N GLU A 49 -29.28 12.51 -21.39
CA GLU A 49 -29.58 12.81 -22.78
C GLU A 49 -28.40 12.49 -23.69
N GLY A 50 -28.71 11.98 -24.87
CA GLY A 50 -27.68 11.64 -25.85
C GLY A 50 -27.25 10.20 -25.67
N THR A 51 -25.98 9.95 -26.00
CA THR A 51 -25.40 8.63 -25.90
C THR A 51 -24.11 8.68 -25.10
N ALA A 52 -23.53 7.49 -24.87
CA ALA A 52 -22.25 7.38 -24.19
C ALA A 52 -21.33 6.34 -24.82
N TRP A 53 -20.05 6.60 -24.68
CA TRP A 53 -19.04 5.63 -25.00
C TRP A 53 -18.95 4.55 -23.94
N LEU A 54 -19.19 3.29 -24.33
CA LEU A 54 -18.91 2.15 -23.46
C LEU A 54 -17.52 1.58 -23.75
N VAL A 55 -16.69 1.57 -22.70
CA VAL A 55 -15.29 1.17 -22.79
C VAL A 55 -15.12 -0.23 -22.17
N THR A 56 -14.76 -1.21 -22.98
CA THR A 56 -14.78 -2.61 -22.53
C THR A 56 -13.42 -3.18 -22.16
N ARG A 57 -12.35 -2.63 -22.70
CA ARG A 57 -11.06 -3.26 -22.48
C ARG A 57 -10.13 -2.49 -21.53
N MET A 58 -9.08 -3.17 -21.06
CA MET A 58 -8.25 -2.72 -19.97
C MET A 58 -7.39 -1.49 -20.33
N SER A 59 -6.78 -1.52 -21.50
CA SER A 59 -5.98 -0.39 -21.97
C SER A 59 -6.77 0.89 -21.98
N ASP A 60 -7.93 0.86 -22.61
CA ASP A 60 -8.79 2.04 -22.70
C ASP A 60 -9.32 2.43 -21.32
N ALA A 61 -9.75 1.42 -20.57
CA ALA A 61 -10.22 1.63 -19.20
C ALA A 61 -9.21 2.43 -18.40
N ARG A 62 -7.92 2.08 -18.50
CA ARG A 62 -6.87 2.73 -17.71
C ARG A 62 -6.62 4.18 -18.14
N ILE A 63 -6.64 4.42 -19.44
CA ILE A 63 -6.67 5.78 -19.94
C ILE A 63 -7.85 6.54 -19.35
N VAL A 64 -9.07 6.09 -19.62
CA VAL A 64 -10.23 6.85 -19.21
C VAL A 64 -10.27 7.08 -17.70
N LEU A 65 -9.89 6.08 -16.92
CA LEU A 65 -10.00 6.18 -15.47
C LEU A 65 -8.84 6.95 -14.85
N GLY A 66 -7.71 6.99 -15.55
CA GLY A 66 -6.49 7.58 -14.98
C GLY A 66 -5.87 8.72 -15.76
N ASP A 67 -6.67 9.49 -16.48
CA ASP A 67 -6.15 10.62 -17.22
C ASP A 67 -6.82 11.88 -16.69
N SER A 68 -6.02 12.92 -16.48
CA SER A 68 -6.50 14.23 -16.04
C SER A 68 -7.54 14.82 -16.99
N ARG A 69 -7.57 14.35 -18.24
CA ARG A 69 -8.50 14.87 -19.22
C ARG A 69 -9.91 14.30 -19.18
N PHE A 70 -10.35 13.77 -18.05
CA PHE A 70 -11.75 13.36 -17.92
C PHE A 70 -12.29 13.97 -16.67
N SER A 71 -13.59 14.28 -16.67
CA SER A 71 -14.24 14.87 -15.52
C SER A 71 -15.39 14.02 -15.04
N THR A 72 -15.56 13.96 -13.73
CA THR A 72 -16.72 13.31 -13.12
C THR A 72 -17.70 14.35 -12.59
N ALA A 73 -17.22 15.58 -12.36
CA ALA A 73 -18.09 16.69 -11.92
C ALA A 73 -18.99 17.17 -13.06
N ALA A 74 -18.50 17.06 -14.29
CA ALA A 74 -19.30 17.39 -15.47
C ALA A 74 -20.52 16.51 -15.59
N ALA A 75 -20.46 15.31 -15.00
CA ALA A 75 -21.52 14.31 -15.13
C ALA A 75 -22.61 14.49 -14.10
N THR A 76 -22.44 15.49 -13.23
CA THR A 76 -23.51 15.90 -12.28
C THR A 76 -24.53 16.81 -12.95
N ASP A 77 -24.23 17.24 -14.18
CA ASP A 77 -25.14 17.93 -15.06
C ASP A 77 -26.35 17.05 -15.43
N PRO A 78 -27.58 17.51 -15.15
CA PRO A 78 -28.77 16.65 -15.31
C PRO A 78 -28.97 16.07 -16.71
N ALA A 79 -28.34 16.67 -17.72
CA ALA A 79 -28.42 16.21 -19.11
C ALA A 79 -27.28 15.28 -19.50
N THR A 80 -26.62 14.69 -18.52
CA THR A 80 -25.61 13.67 -18.76
C THR A 80 -26.28 12.32 -18.60
N PRO A 81 -26.00 11.39 -19.52
CA PRO A 81 -26.51 10.02 -19.34
C PRO A 81 -26.18 9.41 -17.95
N ARG A 82 -27.13 8.69 -17.39
CA ARG A 82 -26.99 8.14 -16.05
C ARG A 82 -27.90 6.92 -15.90
N MET A 83 -27.82 6.25 -14.74
CA MET A 83 -28.57 5.04 -14.46
C MET A 83 -29.84 5.31 -13.65
N PHE A 84 -29.75 6.23 -12.69
CA PHE A 84 -30.88 6.55 -11.84
C PHE A 84 -31.54 7.85 -12.27
N PRO A 85 -32.85 8.02 -11.97
CA PRO A 85 -33.58 9.21 -12.45
C PRO A 85 -33.04 10.47 -11.78
N THR A 86 -32.87 10.37 -10.47
CA THR A 86 -32.11 11.32 -9.68
C THR A 86 -30.70 11.47 -10.30
N PRO A 87 -30.26 12.72 -10.60
CA PRO A 87 -28.82 12.86 -10.89
C PRO A 87 -28.00 12.75 -9.60
N PRO A 88 -26.67 12.91 -9.71
CA PRO A 88 -25.73 12.88 -8.56
C PRO A 88 -25.43 14.22 -7.89
N GLU A 89 -25.49 14.25 -6.56
CA GLU A 89 -25.06 15.45 -5.81
C GLU A 89 -23.57 15.69 -6.08
N PRO A 90 -23.19 16.95 -6.33
CA PRO A 90 -21.82 17.29 -6.71
C PRO A 90 -20.83 17.38 -5.56
N ASP A 91 -21.33 17.36 -4.32
CA ASP A 91 -20.46 17.41 -3.15
C ASP A 91 -20.03 15.96 -2.73
N GLY A 92 -20.53 14.95 -3.44
CA GLY A 92 -20.10 13.55 -3.26
C GLY A 92 -18.72 13.30 -3.84
N VAL A 93 -17.88 12.57 -3.09
CA VAL A 93 -16.43 12.37 -3.39
C VAL A 93 -16.16 12.05 -4.84
N LEU A 94 -16.94 11.12 -5.36
CA LEU A 94 -16.68 10.52 -6.65
C LEU A 94 -16.92 11.53 -7.75
N ALA A 95 -17.94 12.37 -7.55
CA ALA A 95 -18.28 13.47 -8.45
C ALA A 95 -17.31 14.65 -8.40
N GLN A 96 -16.48 14.73 -7.37
CA GLN A 96 -15.56 15.86 -7.26
C GLN A 96 -14.35 15.79 -8.20
N ASP A 97 -13.98 16.93 -8.77
CA ASP A 97 -12.91 17.04 -9.75
C ASP A 97 -11.59 17.50 -9.11
N PRO A 98 -10.46 17.44 -9.87
CA PRO A 98 -9.11 17.43 -9.31
C PRO A 98 -8.75 18.44 -8.20
N PRO A 99 -8.84 19.76 -8.45
CA PRO A 99 -8.28 20.61 -7.37
C PRO A 99 -8.82 20.26 -5.98
N ASP A 100 -10.12 20.06 -5.87
CA ASP A 100 -10.75 19.88 -4.56
C ASP A 100 -10.70 18.44 -4.12
N HIS A 101 -11.09 17.56 -5.02
CA HIS A 101 -10.91 16.11 -4.84
C HIS A 101 -9.51 15.77 -4.36
N THR A 102 -8.51 16.31 -5.05
CA THR A 102 -7.11 16.11 -4.68
C THR A 102 -6.84 16.56 -3.24
N ARG A 103 -7.31 17.75 -2.88
CA ARG A 103 -7.24 18.21 -1.49
C ARG A 103 -7.93 17.19 -0.56
N LEU A 104 -9.06 16.65 -1.02
CA LEU A 104 -9.82 15.72 -0.19
C LEU A 104 -9.10 14.40 0.02
N ARG A 105 -8.71 13.75 -1.07
CA ARG A 105 -8.03 12.47 -1.00
C ARG A 105 -6.79 12.55 -0.13
N ARG A 106 -6.11 13.69 -0.20
CA ARG A 106 -4.90 13.97 0.56
C ARG A 106 -5.17 13.95 2.05
N LEU A 107 -6.20 14.68 2.46
CA LEU A 107 -6.50 14.85 3.86
C LEU A 107 -6.94 13.53 4.44
N VAL A 108 -7.94 12.88 3.84
CA VAL A 108 -8.41 11.59 4.39
C VAL A 108 -7.29 10.58 4.22
N GLY A 109 -6.51 10.76 3.15
CA GLY A 109 -5.31 9.98 2.90
C GLY A 109 -4.40 9.96 4.10
N LYS A 110 -4.26 11.11 4.75
CA LYS A 110 -3.41 11.19 5.93
C LYS A 110 -4.05 10.52 7.15
N ALA A 111 -5.26 9.98 7.02
CA ALA A 111 -5.89 9.22 8.10
C ALA A 111 -6.28 7.80 7.71
N PHE A 112 -6.81 7.63 6.52
CA PHE A 112 -7.15 6.29 6.02
C PHE A 112 -5.92 5.57 5.46
N THR A 113 -4.87 5.46 6.28
CA THR A 113 -3.60 4.98 5.79
C THR A 113 -3.55 3.44 5.77
N ALA A 114 -2.71 2.92 4.88
CA ALA A 114 -2.38 1.51 4.85
C ALA A 114 -2.05 0.93 6.23
N ARG A 115 -1.33 1.70 7.03
CA ARG A 115 -0.92 1.23 8.36
C ARG A 115 -2.13 1.02 9.27
N ARG A 116 -2.96 2.04 9.36
CA ARG A 116 -4.15 1.94 10.19
C ARG A 116 -4.96 0.69 9.74
N VAL A 117 -5.04 0.45 8.43
CA VAL A 117 -5.87 -0.64 7.97
C VAL A 117 -5.29 -2.00 8.30
N GLU A 118 -3.98 -2.14 8.16
CA GLU A 118 -3.34 -3.41 8.46
C GLU A 118 -3.36 -3.64 9.95
N GLU A 119 -3.30 -2.55 10.72
CA GLU A 119 -3.38 -2.67 12.19
C GLU A 119 -4.76 -3.06 12.73
N MET A 120 -5.80 -2.99 11.89
CA MET A 120 -7.11 -3.55 12.22
C MET A 120 -7.05 -5.07 12.40
N ARG A 121 -6.09 -5.73 11.76
CA ARG A 121 -6.22 -7.14 11.43
C ARG A 121 -6.47 -8.01 12.62
N PRO A 122 -5.70 -7.83 13.71
CA PRO A 122 -5.98 -8.68 14.87
C PRO A 122 -7.40 -8.49 15.44
N ARG A 123 -7.85 -7.25 15.55
CA ARG A 123 -9.20 -6.95 16.00
C ARG A 123 -10.25 -7.54 15.08
N VAL A 124 -10.10 -7.28 13.79
CA VAL A 124 -11.04 -7.70 12.76
C VAL A 124 -11.17 -9.21 12.77
N ARG A 125 -10.05 -9.90 13.00
CA ARG A 125 -9.99 -11.34 13.10
CA ARG A 125 -10.03 -11.35 13.09
C ARG A 125 -10.74 -11.82 14.35
N SER A 126 -10.69 -11.02 15.39
CA SER A 126 -11.43 -11.32 16.61
C SER A 126 -12.94 -11.32 16.35
N LEU A 127 -13.42 -10.29 15.63
CA LEU A 127 -14.82 -10.18 15.26
C LEU A 127 -15.33 -11.31 14.39
N VAL A 128 -14.55 -11.73 13.38
CA VAL A 128 -15.02 -12.80 12.49
C VAL A 128 -15.19 -14.09 13.29
N ASP A 129 -14.20 -14.39 14.14
CA ASP A 129 -14.22 -15.62 14.94
C ASP A 129 -15.41 -15.62 15.94
N SER A 130 -15.76 -14.46 16.51
CA SER A 130 -17.00 -14.31 17.30
C SER A 130 -18.21 -14.62 16.45
N LEU A 131 -18.35 -13.90 15.34
CA LEU A 131 -19.52 -14.12 14.50
C LEU A 131 -19.65 -15.60 14.11
N LEU A 132 -18.56 -16.22 13.71
CA LEU A 132 -18.58 -17.63 13.43
C LEU A 132 -18.83 -18.50 14.68
N ASP A 133 -18.51 -18.00 15.86
CA ASP A 133 -18.86 -18.73 17.08
C ASP A 133 -20.38 -18.90 17.18
N ASP A 134 -21.12 -17.80 16.99
CA ASP A 134 -22.59 -17.82 16.99
C ASP A 134 -23.10 -18.77 15.92
N MET A 135 -22.43 -18.82 14.78
CA MET A 135 -22.87 -19.70 13.73
C MET A 135 -22.77 -21.16 14.15
N VAL A 136 -21.76 -21.51 14.95
CA VAL A 136 -21.59 -22.88 15.47
C VAL A 136 -22.65 -23.18 16.55
N ALA A 137 -22.96 -22.17 17.38
CA ALA A 137 -24.00 -22.24 18.42
C ALA A 137 -25.37 -22.58 17.82
N HIS A 138 -25.89 -21.73 16.93
CA HIS A 138 -26.92 -22.14 15.96
C HIS A 138 -26.25 -23.28 15.28
N GLY A 139 -26.93 -24.38 14.99
CA GLY A 139 -26.19 -25.54 14.45
C GLY A 139 -25.84 -25.55 12.96
N SER A 140 -26.08 -26.70 12.35
CA SER A 140 -25.36 -27.26 11.22
C SER A 140 -25.57 -26.80 9.83
N PRO A 141 -26.79 -26.26 9.52
CA PRO A 141 -27.09 -25.43 8.33
C PRO A 141 -27.25 -24.09 8.98
N ALA A 142 -27.04 -23.03 8.22
CA ALA A 142 -27.01 -21.70 8.76
C ALA A 142 -26.90 -20.75 7.57
N ASP A 143 -27.60 -19.62 7.63
CA ASP A 143 -27.60 -18.63 6.57
C ASP A 143 -26.37 -17.79 6.79
N LEU A 144 -25.38 -18.00 5.92
CA LEU A 144 -24.14 -17.24 5.96
C LEU A 144 -24.36 -15.75 5.81
N VAL A 145 -25.42 -15.35 5.14
CA VAL A 145 -25.70 -13.94 5.00
C VAL A 145 -26.04 -13.31 6.35
N GLU A 146 -26.94 -13.95 7.08
CA GLU A 146 -27.32 -13.36 8.35
C GLU A 146 -26.21 -13.50 9.41
N PHE A 147 -25.49 -14.60 9.41
CA PHE A 147 -24.50 -14.84 10.45
C PHE A 147 -23.18 -14.16 10.20
N LEU A 148 -22.74 -14.08 8.94
CA LEU A 148 -21.46 -13.45 8.61
C LEU A 148 -21.55 -12.16 7.77
N ALA A 149 -22.15 -12.24 6.59
CA ALA A 149 -22.01 -11.18 5.57
C ALA A 149 -22.51 -9.80 5.97
N VAL A 150 -23.71 -9.73 6.52
CA VAL A 150 -24.33 -8.50 6.98
C VAL A 150 -23.62 -7.88 8.19
N PRO A 151 -23.61 -8.58 9.34
CA PRO A 151 -22.99 -7.96 10.53
C PRO A 151 -21.53 -7.63 10.41
N PHE A 152 -20.78 -8.40 9.63
CA PHE A 152 -19.30 -8.29 9.65
C PHE A 152 -18.76 -6.94 9.16
N PRO A 153 -19.16 -6.48 7.96
CA PRO A 153 -18.76 -5.18 7.46
C PRO A 153 -19.17 -4.01 8.33
N VAL A 154 -20.42 -3.97 8.80
CA VAL A 154 -20.80 -2.87 9.71
C VAL A 154 -19.93 -2.86 10.99
N ALA A 155 -19.70 -4.04 11.55
CA ALA A 155 -18.88 -4.14 12.74
C ALA A 155 -17.45 -3.67 12.47
N VAL A 156 -16.96 -3.84 11.25
CA VAL A 156 -15.58 -3.48 10.93
C VAL A 156 -15.47 -1.97 10.82
N ILE A 157 -16.49 -1.37 10.23
CA ILE A 157 -16.51 0.05 10.03
C ILE A 157 -16.60 0.72 11.39
N CYS A 158 -17.52 0.22 12.21
CA CYS A 158 -17.68 0.72 13.57
C CYS A 158 -16.33 0.77 14.27
N GLU A 159 -15.64 -0.37 14.26
CA GLU A 159 -14.34 -0.47 14.89
C GLU A 159 -13.33 0.57 14.33
N LEU A 160 -13.34 0.76 13.01
CA LEU A 160 -12.41 1.69 12.34
C LEU A 160 -12.70 3.15 12.70
N LEU A 161 -13.99 3.50 12.77
CA LEU A 161 -14.44 4.83 13.18
C LEU A 161 -14.24 5.08 14.67
N GLY A 162 -14.15 3.99 15.42
CA GLY A 162 -14.07 4.07 16.87
C GLY A 162 -15.44 4.45 17.42
N VAL A 163 -16.49 3.89 16.83
CA VAL A 163 -17.84 4.08 17.37
C VAL A 163 -17.90 3.46 18.75
N PRO A 164 -18.30 4.25 19.76
CA PRO A 164 -18.16 3.76 21.13
C PRO A 164 -19.01 2.50 21.37
N LEU A 165 -18.40 1.53 22.06
CA LEU A 165 -18.92 0.16 22.16
C LEU A 165 -20.44 0.07 22.46
N GLU A 166 -20.97 1.04 23.20
CA GLU A 166 -22.33 0.96 23.76
C GLU A 166 -23.46 1.24 22.77
N ASP A 167 -23.20 1.97 21.69
CA ASP A 167 -24.28 2.28 20.76
C ASP A 167 -23.90 1.97 19.32
N ARG A 168 -23.32 0.79 19.12
CA ARG A 168 -23.08 0.28 17.78
C ARG A 168 -24.35 -0.36 17.21
N ASP A 169 -25.18 -0.95 18.08
CA ASP A 169 -26.43 -1.60 17.65
C ASP A 169 -27.34 -0.63 16.92
N LEU A 170 -27.11 0.65 17.15
CA LEU A 170 -27.88 1.71 16.55
C LEU A 170 -27.18 2.20 15.26
N PHE A 171 -25.87 1.97 15.17
CA PHE A 171 -25.16 2.01 13.89
C PHE A 171 -25.60 0.86 12.95
N ARG A 172 -25.84 -0.31 13.55
CA ARG A 172 -26.30 -1.49 12.81
C ARG A 172 -27.63 -1.23 12.12
N THR A 173 -28.51 -0.45 12.76
CA THR A 173 -29.84 -0.18 12.22
C THR A 173 -29.87 0.94 11.20
N PHE A 174 -28.97 1.91 11.32
CA PHE A 174 -28.81 2.92 10.26
C PHE A 174 -28.23 2.26 9.02
N SER A 175 -27.20 1.44 9.21
CA SER A 175 -26.49 0.85 8.10
C SER A 175 -27.46 -0.04 7.32
N ASP A 176 -27.98 -1.08 7.98
CA ASP A 176 -28.88 -2.04 7.30
C ASP A 176 -30.36 -1.59 7.21
N ALA A 177 -30.53 -0.30 7.42
CA ALA A 177 -31.71 0.45 7.12
C ALA A 177 -31.39 1.33 5.96
N MET A 178 -30.62 0.79 5.06
CA MET A 178 -30.28 1.48 3.87
C MET A 178 -30.38 0.38 2.84
N LEU A 179 -29.97 -0.77 3.12
CA LEU A 179 -29.44 -1.83 2.27
C LEU A 179 -30.60 -1.98 1.30
N SER A 180 -30.39 -2.75 0.26
CA SER A 180 -31.34 -2.93 -0.83
C SER A 180 -32.81 -2.97 -0.45
N SER A 181 -33.12 -3.46 0.75
CA SER A 181 -34.43 -3.19 1.37
C SER A 181 -34.44 -3.55 2.84
N THR A 182 -35.20 -2.78 3.60
CA THR A 182 -35.03 -2.66 5.04
C THR A 182 -36.18 -2.56 6.02
N ARG A 183 -36.99 -1.55 5.83
CA ARG A 183 -38.19 -1.32 6.60
C ARG A 183 -39.22 -0.85 5.59
N LEU A 184 -38.76 -0.32 4.45
CA LEU A 184 -39.63 0.17 3.39
C LEU A 184 -40.68 1.18 3.92
N THR A 185 -40.45 1.74 5.12
CA THR A 185 -41.46 2.58 5.82
C THR A 185 -41.49 3.97 5.19
N ALA A 186 -42.18 4.07 4.05
CA ALA A 186 -42.30 5.32 3.31
C ALA A 186 -40.91 5.92 3.08
N ALA A 187 -40.76 7.23 3.33
CA ALA A 187 -39.47 7.91 3.19
C ALA A 187 -39.01 8.47 4.53
N GLU A 188 -39.63 8.02 5.63
CA GLU A 188 -39.18 8.41 6.98
C GLU A 188 -38.03 7.49 7.49
N ILE A 189 -37.43 6.77 6.53
CA ILE A 189 -36.00 6.46 6.53
C ILE A 189 -35.20 7.75 6.83
N GLN A 190 -35.80 8.90 6.51
CA GLN A 190 -35.27 10.20 6.92
C GLN A 190 -35.18 10.36 8.43
N ARG A 191 -36.25 10.08 9.17
CA ARG A 191 -36.18 10.10 10.64
C ARG A 191 -35.11 9.13 11.17
N VAL A 192 -34.65 8.23 10.29
CA VAL A 192 -33.43 7.45 10.54
C VAL A 192 -32.18 8.27 10.22
N GLN A 193 -32.12 8.91 9.05
CA GLN A 193 -30.98 9.79 8.69
C GLN A 193 -30.72 10.87 9.74
N GLN A 194 -31.67 11.79 9.92
CA GLN A 194 -31.40 13.02 10.67
C GLN A 194 -30.96 12.82 12.14
N ASP A 195 -31.55 11.86 12.85
CA ASP A 195 -31.13 11.60 14.26
C ASP A 195 -29.76 10.87 14.36
N PHE A 196 -29.42 10.13 13.31
CA PHE A 196 -28.10 9.54 13.14
C PHE A 196 -27.11 10.64 12.74
N MET A 197 -27.50 11.47 11.78
CA MET A 197 -26.72 12.63 11.38
C MET A 197 -26.39 13.53 12.56
N VAL A 198 -27.35 13.68 13.46
CA VAL A 198 -27.06 14.29 14.74
C VAL A 198 -25.88 13.54 15.36
N TYR A 199 -26.06 12.24 15.59
CA TYR A 199 -25.05 11.42 16.29
C TYR A 199 -23.64 11.66 15.78
N MET A 200 -23.45 11.55 14.46
CA MET A 200 -22.14 11.73 13.87
C MET A 200 -21.60 13.09 14.20
N ASP A 201 -22.40 14.12 13.94
CA ASP A 201 -22.00 15.49 14.23
C ASP A 201 -21.56 15.63 15.70
N GLY A 202 -22.32 15.04 16.62
CA GLY A 202 -21.96 15.05 18.03
C GLY A 202 -20.63 14.35 18.24
N LEU A 203 -20.49 13.20 17.57
CA LEU A 203 -19.27 12.41 17.69
C LEU A 203 -18.08 13.09 17.05
N VAL A 204 -18.27 13.65 15.87
CA VAL A 204 -17.19 14.37 15.19
C VAL A 204 -16.69 15.51 16.07
N ALA A 205 -17.63 16.24 16.69
CA ALA A 205 -17.30 17.35 17.59
C ALA A 205 -16.49 16.90 18.81
N GLN A 206 -16.88 15.78 19.43
CA GLN A 206 -16.18 15.26 20.62
C GLN A 206 -14.71 14.95 20.37
N ARG A 207 -14.45 14.22 19.29
CA ARG A 207 -13.07 13.85 18.90
C ARG A 207 -12.23 15.03 18.34
N ARG A 208 -12.87 16.01 17.72
CA ARG A 208 -12.14 17.23 17.32
C ARG A 208 -11.54 17.88 18.57
N ASP A 209 -12.31 17.95 19.66
CA ASP A 209 -11.78 18.39 20.97
C ASP A 209 -10.78 17.40 21.53
N ALA A 210 -11.14 16.10 21.51
CA ALA A 210 -10.32 15.03 22.10
C ALA A 210 -10.13 13.82 21.15
N PRO A 211 -9.08 13.86 20.32
CA PRO A 211 -8.81 12.79 19.36
C PRO A 211 -8.31 11.45 19.92
N THR A 212 -8.66 10.39 19.20
CA THR A 212 -8.47 9.00 19.61
C THR A 212 -7.88 8.18 18.45
N GLU A 213 -7.35 7.01 18.75
CA GLU A 213 -6.71 6.16 17.75
C GLU A 213 -7.81 5.47 16.90
N ASP A 214 -8.21 6.14 15.85
CA ASP A 214 -9.20 5.65 14.91
C ASP A 214 -9.33 6.70 13.79
N LEU A 215 -10.15 6.41 12.79
CA LEU A 215 -10.25 7.28 11.64
C LEU A 215 -10.68 8.68 12.03
N LEU A 216 -11.68 8.77 12.90
CA LEU A 216 -12.29 10.06 13.17
C LEU A 216 -11.30 10.94 13.89
N GLY A 217 -10.77 10.43 14.99
CA GLY A 217 -9.66 11.07 15.65
C GLY A 217 -8.57 11.56 14.72
N ALA A 218 -8.29 10.81 13.64
CA ALA A 218 -7.19 11.15 12.74
C ALA A 218 -7.63 12.01 11.58
N LEU A 219 -8.87 11.84 11.16
CA LEU A 219 -9.46 12.81 10.27
C LEU A 219 -9.51 14.19 10.98
N ALA A 220 -9.75 14.20 12.29
CA ALA A 220 -9.69 15.45 13.11
C ALA A 220 -8.34 16.18 13.01
N LEU A 221 -7.25 15.41 13.08
CA LEU A 221 -5.89 15.94 13.09
C LEU A 221 -5.25 16.10 11.72
N ALA A 222 -5.80 15.52 10.65
CA ALA A 222 -5.12 15.62 9.35
C ALA A 222 -4.75 17.06 9.02
N THR A 223 -3.67 17.22 8.27
CA THR A 223 -3.18 18.51 7.86
C THR A 223 -2.58 18.40 6.47
N ASP A 224 -2.41 19.53 5.80
CA ASP A 224 -1.66 19.54 4.54
C ASP A 224 -1.08 20.91 4.28
N ASN A 225 0.05 21.22 4.91
CA ASN A 225 0.61 22.55 4.84
C ASN A 225 -0.43 23.60 5.25
N ASP A 226 -1.02 23.45 6.44
CA ASP A 226 -2.03 24.44 6.93
C ASP A 226 -3.48 24.26 6.49
N ASP A 227 -3.90 23.08 6.03
CA ASP A 227 -5.26 22.91 5.49
C ASP A 227 -5.99 21.91 6.38
N HIS A 228 -7.29 22.07 6.40
CA HIS A 228 -8.14 21.56 7.46
C HIS A 228 -9.19 20.68 6.88
N LEU A 229 -9.68 19.75 7.68
CA LEU A 229 -11.00 19.22 7.43
C LEU A 229 -11.97 19.87 8.42
N THR A 230 -13.10 20.33 7.90
CA THR A 230 -14.16 20.92 8.72
C THR A 230 -14.92 19.85 9.47
N LYS A 231 -15.61 20.22 10.55
CA LYS A 231 -16.57 19.31 11.20
C LYS A 231 -17.49 18.70 10.14
N GLY A 232 -17.94 19.53 9.20
CA GLY A 232 -18.83 19.09 8.13
C GLY A 232 -18.21 18.09 7.17
N GLU A 233 -16.99 18.37 6.71
CA GLU A 233 -16.28 17.44 5.84
C GLU A 233 -16.03 16.08 6.51
N ILE A 234 -15.71 16.07 7.80
CA ILE A 234 -15.47 14.81 8.49
C ILE A 234 -16.77 14.03 8.70
N VAL A 235 -17.91 14.70 8.64
CA VAL A 235 -19.19 14.00 8.77
C VAL A 235 -19.52 13.38 7.41
N ASN A 236 -19.35 14.13 6.34
CA ASN A 236 -19.74 13.66 5.00
C ASN A 236 -18.92 12.47 4.53
N MET A 237 -17.71 12.31 5.08
CA MET A 237 -16.83 11.22 4.70
C MET A 237 -17.16 9.98 5.48
N GLY A 238 -17.21 10.10 6.80
CA GLY A 238 -17.56 8.98 7.67
C GLY A 238 -18.85 8.29 7.23
N VAL A 239 -19.82 9.09 6.80
CA VAL A 239 -21.09 8.57 6.36
C VAL A 239 -20.92 7.99 4.98
N SER A 240 -20.39 8.80 4.06
CA SER A 240 -20.07 8.34 2.71
C SER A 240 -19.29 7.02 2.76
N LEU A 241 -18.37 6.89 3.73
CA LEU A 241 -17.66 5.63 3.93
C LEU A 241 -18.52 4.51 4.51
N LEU A 242 -19.45 4.83 5.39
CA LEU A 242 -20.27 3.77 5.97
C LEU A 242 -21.20 3.27 4.92
N ILE A 243 -21.77 4.17 4.14
CA ILE A 243 -22.71 3.73 3.11
C ILE A 243 -21.97 2.80 2.14
N ALA A 244 -20.90 3.34 1.56
CA ALA A 244 -20.16 2.66 0.51
C ALA A 244 -19.67 1.25 0.90
N GLY A 245 -19.11 1.19 2.10
CA GLY A 245 -18.46 -0.01 2.53
C GLY A 245 -19.39 -1.15 2.90
N HIS A 246 -20.62 -0.83 3.25
CA HIS A 246 -21.47 -1.85 3.83
C HIS A 246 -22.05 -2.78 2.79
N GLU A 247 -22.84 -2.23 1.87
CA GLU A 247 -23.58 -3.11 1.00
C GLU A 247 -22.65 -3.84 0.03
N THR A 248 -21.58 -3.17 -0.40
CA THR A 248 -20.56 -3.75 -1.26
C THR A 248 -19.84 -4.93 -0.57
N SER A 249 -19.34 -4.67 0.63
CA SER A 249 -18.56 -5.66 1.31
C SER A 249 -19.43 -6.86 1.63
N VAL A 250 -20.65 -6.60 2.08
CA VAL A 250 -21.61 -7.66 2.32
C VAL A 250 -21.76 -8.56 1.08
N ASN A 251 -21.97 -7.96 -0.08
CA ASN A 251 -22.34 -8.74 -1.24
C ASN A 251 -21.15 -9.48 -1.73
N GLN A 252 -19.99 -8.84 -1.65
CA GLN A 252 -18.75 -9.44 -2.13
C GLN A 252 -18.37 -10.69 -1.32
N ILE A 253 -18.69 -10.65 -0.04
CA ILE A 253 -18.46 -11.79 0.84
C ILE A 253 -19.27 -12.94 0.30
N THR A 254 -20.51 -12.69 -0.06
CA THR A 254 -21.34 -13.79 -0.54
C THR A 254 -20.78 -14.22 -1.91
N ASN A 255 -20.36 -13.26 -2.73
CA ASN A 255 -19.90 -13.63 -4.06
C ASN A 255 -18.67 -14.56 -4.01
N LEU A 256 -17.73 -14.30 -3.11
CA LEU A 256 -16.54 -15.11 -3.04
C LEU A 256 -16.92 -16.49 -2.57
N VAL A 257 -17.77 -16.57 -1.55
CA VAL A 257 -18.15 -17.86 -0.99
C VAL A 257 -18.84 -18.64 -2.08
N HIS A 258 -19.62 -17.90 -2.88
CA HIS A 258 -20.33 -18.56 -3.91
C HIS A 258 -19.39 -19.19 -4.92
N LEU A 259 -18.41 -18.43 -5.37
CA LEU A 259 -17.42 -18.96 -6.30
C LEU A 259 -16.60 -20.15 -5.72
N LEU A 260 -16.37 -20.16 -4.41
CA LEU A 260 -15.52 -21.15 -3.79
C LEU A 260 -16.18 -22.49 -3.60
N LEU A 261 -17.42 -22.43 -3.15
CA LEU A 261 -18.33 -23.57 -3.16
C LEU A 261 -18.87 -23.42 -4.57
N THR A 262 -19.62 -24.37 -5.07
CA THR A 262 -20.10 -24.35 -6.49
C THR A 262 -19.05 -24.71 -7.51
N GLU A 263 -17.78 -24.79 -7.06
CA GLU A 263 -16.73 -25.39 -7.89
C GLU A 263 -15.88 -26.16 -6.87
N ARG A 264 -15.87 -25.73 -5.63
CA ARG A 264 -15.59 -26.63 -4.49
C ARG A 264 -14.29 -27.45 -4.57
N LYS A 265 -13.38 -27.06 -5.46
CA LYS A 265 -12.04 -27.63 -5.56
C LYS A 265 -11.21 -26.41 -5.26
N ARG A 266 -11.81 -25.25 -5.53
CA ARG A 266 -11.23 -23.99 -5.20
C ARG A 266 -11.23 -23.91 -3.69
N TYR A 267 -12.38 -24.05 -3.03
CA TYR A 267 -12.40 -24.10 -1.54
C TYR A 267 -11.39 -25.14 -1.01
N GLU A 268 -11.40 -26.34 -1.55
CA GLU A 268 -10.46 -27.35 -1.11
C GLU A 268 -9.03 -26.86 -1.24
N SER A 269 -8.75 -26.09 -2.28
CA SER A 269 -7.38 -25.68 -2.54
C SER A 269 -6.91 -24.68 -1.48
N LEU A 270 -7.86 -23.95 -0.90
CA LEU A 270 -7.54 -23.12 0.25
C LEU A 270 -7.42 -23.86 1.59
N VAL A 271 -8.18 -24.93 1.76
CA VAL A 271 -8.10 -25.75 2.97
C VAL A 271 -6.74 -26.39 3.02
N ALA A 272 -6.34 -26.92 1.88
CA ALA A 272 -5.04 -27.53 1.72
C ALA A 272 -3.90 -26.55 1.85
N ASP A 273 -4.16 -25.27 1.59
CA ASP A 273 -3.09 -24.29 1.48
C ASP A 273 -3.65 -22.91 1.81
N PRO A 274 -3.91 -22.65 3.10
CA PRO A 274 -4.53 -21.38 3.49
C PRO A 274 -3.65 -20.14 3.23
N ALA A 275 -2.38 -20.34 2.97
CA ALA A 275 -1.50 -19.25 2.62
C ALA A 275 -1.89 -18.62 1.26
N LEU A 276 -2.75 -19.30 0.51
CA LEU A 276 -3.24 -18.86 -0.82
C LEU A 276 -4.42 -17.89 -0.78
N VAL A 277 -4.97 -17.69 0.42
CA VAL A 277 -6.14 -16.86 0.56
C VAL A 277 -5.95 -15.47 -0.06
N PRO A 278 -4.86 -14.77 0.25
CA PRO A 278 -4.77 -13.42 -0.37
C PRO A 278 -4.73 -13.41 -1.90
N ALA A 279 -3.97 -14.30 -2.51
CA ALA A 279 -3.91 -14.38 -3.96
C ALA A 279 -5.27 -14.77 -4.55
N ALA A 280 -5.95 -15.70 -3.88
CA ALA A 280 -7.29 -16.11 -4.27
C ALA A 280 -8.27 -14.92 -4.23
N VAL A 281 -8.21 -14.12 -3.19
CA VAL A 281 -9.12 -12.97 -3.07
C VAL A 281 -8.92 -11.98 -4.22
N GLU A 282 -7.65 -11.68 -4.54
CA GLU A 282 -7.32 -10.81 -5.67
C GLU A 282 -7.88 -11.34 -6.98
N GLU A 283 -7.68 -12.63 -7.18
CA GLU A 283 -8.16 -13.30 -8.38
C GLU A 283 -9.66 -13.31 -8.42
N MET A 284 -10.29 -13.49 -7.26
CA MET A 284 -11.77 -13.47 -7.18
C MET A 284 -12.36 -12.07 -7.33
N LEU A 285 -11.65 -11.06 -6.86
CA LEU A 285 -12.00 -9.67 -7.14
C LEU A 285 -11.92 -9.36 -8.63
N ARG A 286 -10.92 -9.88 -9.31
CA ARG A 286 -10.80 -9.71 -10.76
C ARG A 286 -12.00 -10.26 -11.50
N TYR A 287 -12.43 -11.46 -11.10
CA TYR A 287 -13.44 -12.27 -11.81
C TYR A 287 -14.87 -11.84 -11.50
N THR A 288 -15.17 -11.41 -10.28
CA THR A 288 -16.56 -11.18 -9.91
C THR A 288 -17.05 -9.86 -10.52
N PRO A 289 -18.08 -9.95 -11.36
CA PRO A 289 -18.69 -8.75 -11.91
C PRO A 289 -19.59 -8.10 -10.84
N LEU A 290 -18.96 -7.60 -9.78
CA LEU A 290 -19.71 -7.06 -8.64
C LEU A 290 -20.49 -5.82 -9.03
N VAL A 291 -19.79 -4.88 -9.65
CA VAL A 291 -20.33 -3.64 -10.16
C VAL A 291 -20.97 -3.89 -11.52
N SER A 292 -22.29 -3.86 -11.59
CA SER A 292 -22.97 -4.44 -12.77
C SER A 292 -23.08 -3.53 -13.96
N ALA A 293 -23.34 -2.26 -13.73
CA ALA A 293 -23.31 -1.29 -14.81
C ALA A 293 -22.05 -0.84 -14.14
N GLY A 294 -21.12 -0.41 -14.99
CA GLY A 294 -19.84 0.13 -14.58
C GLY A 294 -19.75 1.56 -14.10
N SER A 295 -18.47 1.95 -13.89
CA SER A 295 -18.10 3.13 -13.13
C SER A 295 -18.80 4.45 -13.43
N PHE A 296 -18.75 5.31 -12.43
CA PHE A 296 -19.24 6.67 -12.48
C PHE A 296 -18.81 7.28 -13.82
N VAL A 297 -19.65 8.15 -14.33
CA VAL A 297 -19.53 8.56 -15.72
C VAL A 297 -18.37 9.52 -15.87
N ARG A 298 -17.55 9.30 -16.88
CA ARG A 298 -16.46 10.21 -17.14
C ARG A 298 -16.82 11.00 -18.40
N VAL A 299 -16.57 12.32 -18.37
CA VAL A 299 -16.85 13.21 -19.49
C VAL A 299 -15.58 13.84 -19.98
N ALA A 300 -15.16 13.45 -21.17
CA ALA A 300 -13.88 13.88 -21.68
C ALA A 300 -13.89 15.39 -21.77
N THR A 301 -12.86 16.02 -21.20
CA THR A 301 -12.72 17.47 -21.28
C THR A 301 -11.93 17.94 -22.50
N GLU A 302 -11.06 17.09 -23.05
CA GLU A 302 -10.30 17.41 -24.25
C GLU A 302 -10.41 16.26 -25.23
N ASP A 303 -9.42 16.11 -26.08
CA ASP A 303 -9.44 15.05 -27.06
C ASP A 303 -8.47 13.99 -26.62
N VAL A 304 -9.02 12.83 -26.22
CA VAL A 304 -8.18 11.69 -25.82
C VAL A 304 -8.31 10.55 -26.79
N GLU A 305 -7.19 10.12 -27.36
CA GLU A 305 -7.19 8.98 -28.26
C GLU A 305 -7.30 7.66 -27.49
N LEU A 306 -8.27 6.84 -27.85
CA LEU A 306 -8.41 5.53 -27.25
C LEU A 306 -7.96 4.48 -28.26
N SER A 307 -8.26 3.22 -27.96
CA SER A 307 -7.85 2.09 -28.73
C SER A 307 -8.26 2.18 -30.21
N THR A 308 -9.53 2.50 -30.45
CA THR A 308 -10.10 2.41 -31.78
C THR A 308 -10.84 3.67 -32.25
N VAL A 309 -11.34 4.47 -31.32
CA VAL A 309 -11.95 5.75 -31.63
C VAL A 309 -11.18 6.77 -30.83
N THR A 310 -11.53 8.04 -30.99
CA THR A 310 -10.93 9.07 -30.18
C THR A 310 -12.10 9.85 -29.68
N VAL A 311 -12.01 10.29 -28.45
CA VAL A 311 -13.14 10.78 -27.70
C VAL A 311 -12.96 12.29 -27.63
N ARG A 312 -14.04 13.02 -27.89
CA ARG A 312 -14.04 14.49 -27.98
C ARG A 312 -14.60 15.09 -26.71
N ALA A 313 -14.59 16.41 -26.62
CA ALA A 313 -14.64 17.09 -25.34
C ALA A 313 -15.95 17.15 -24.52
N GLY A 314 -17.07 16.66 -24.99
CA GLY A 314 -18.24 16.70 -24.11
C GLY A 314 -18.86 15.35 -23.92
N GLU A 315 -18.31 14.39 -24.66
CA GLU A 315 -18.89 13.06 -24.74
C GLU A 315 -18.60 12.27 -23.47
N PRO A 316 -19.63 11.63 -22.92
CA PRO A 316 -19.31 10.83 -21.75
C PRO A 316 -18.90 9.35 -22.10
N CYS A 317 -18.20 8.72 -21.15
CA CYS A 317 -17.83 7.32 -21.24
C CYS A 317 -18.18 6.60 -19.94
N VAL A 318 -18.56 5.33 -20.06
CA VAL A 318 -18.62 4.45 -18.91
C VAL A 318 -17.54 3.43 -19.09
N VAL A 319 -16.70 3.25 -18.09
CA VAL A 319 -15.77 2.13 -18.06
C VAL A 319 -16.41 0.96 -17.35
N HIS A 320 -16.45 -0.20 -17.99
CA HIS A 320 -16.97 -1.38 -17.33
C HIS A 320 -15.79 -2.17 -16.76
N PHE A 321 -15.63 -2.15 -15.45
CA PHE A 321 -14.48 -2.77 -14.80
C PHE A 321 -14.41 -4.31 -15.05
N ALA A 322 -15.55 -4.97 -14.98
CA ALA A 322 -15.58 -6.42 -15.04
C ALA A 322 -15.12 -6.95 -16.40
N SER A 323 -15.37 -6.19 -17.46
CA SER A 323 -14.99 -6.61 -18.81
C SER A 323 -13.50 -6.34 -18.97
N ALA A 324 -13.04 -5.21 -18.47
CA ALA A 324 -11.61 -4.92 -18.43
C ALA A 324 -10.90 -6.04 -17.72
N ASN A 325 -11.50 -6.51 -16.63
CA ASN A 325 -10.91 -7.57 -15.85
C ASN A 325 -10.95 -8.93 -16.55
N ARG A 326 -11.70 -9.03 -17.65
CA ARG A 326 -11.71 -10.29 -18.44
C ARG A 326 -11.02 -10.16 -19.79
N ASP A 327 -10.29 -9.06 -19.99
CA ASP A 327 -9.64 -8.73 -21.27
C ASP A 327 -8.60 -9.77 -21.62
N GLU A 328 -8.80 -10.49 -22.72
CA GLU A 328 -7.92 -11.63 -23.02
C GLU A 328 -6.58 -11.19 -23.62
N GLU A 329 -6.43 -9.89 -23.86
CA GLU A 329 -5.14 -9.32 -24.24
C GLU A 329 -4.21 -9.25 -23.03
N VAL A 330 -4.74 -9.27 -21.81
CA VAL A 330 -3.91 -9.06 -20.60
C VAL A 330 -3.91 -10.21 -19.59
N PHE A 331 -4.94 -11.05 -19.59
CA PHE A 331 -4.96 -12.19 -18.67
C PHE A 331 -5.08 -13.42 -19.47
N ASP A 332 -4.08 -14.29 -19.37
CA ASP A 332 -4.23 -15.63 -19.90
C ASP A 332 -5.39 -16.34 -19.17
N HIS A 333 -6.06 -17.26 -19.85
CA HIS A 333 -7.22 -17.97 -19.32
C HIS A 333 -8.11 -17.03 -18.60
N ALA A 334 -8.41 -15.95 -19.35
CA ALA A 334 -9.19 -14.83 -18.85
C ALA A 334 -10.50 -15.19 -18.16
N ASP A 335 -11.21 -16.20 -18.61
CA ASP A 335 -12.54 -16.51 -18.01
C ASP A 335 -12.54 -17.71 -17.08
N GLU A 336 -11.42 -17.97 -16.44
CA GLU A 336 -11.33 -19.08 -15.52
C GLU A 336 -10.77 -18.50 -14.25
N LEU A 337 -11.09 -19.08 -13.10
CA LEU A 337 -10.43 -18.69 -11.85
C LEU A 337 -9.12 -19.45 -11.70
N ASP A 338 -7.99 -18.72 -11.68
CA ASP A 338 -6.66 -19.30 -11.42
CA ASP A 338 -6.68 -19.30 -11.41
C ASP A 338 -6.10 -18.65 -10.16
N PHE A 339 -6.17 -19.34 -9.04
CA PHE A 339 -5.66 -18.80 -7.77
C PHE A 339 -4.12 -18.71 -7.76
N HIS A 340 -3.48 -19.35 -8.74
CA HIS A 340 -2.03 -19.26 -8.92
C HIS A 340 -1.57 -18.35 -10.04
N ARG A 341 -2.43 -17.49 -10.51
CA ARG A 341 -2.01 -16.56 -11.55
C ARG A 341 -0.84 -15.67 -11.07
N GLU A 342 0.17 -15.50 -11.89
CA GLU A 342 1.33 -14.70 -11.48
C GLU A 342 1.12 -13.18 -11.60
N ARG A 343 0.54 -12.74 -12.71
CA ARG A 343 0.33 -11.32 -12.95
C ARG A 343 -1.15 -11.06 -12.95
N ASN A 344 -1.60 -10.08 -12.15
CA ASN A 344 -3.02 -9.78 -11.98
C ASN A 344 -3.32 -8.30 -11.84
N PRO A 345 -3.17 -7.57 -12.93
CA PRO A 345 -3.41 -6.14 -12.94
C PRO A 345 -4.89 -5.82 -13.10
N HIS A 346 -5.72 -6.27 -12.16
CA HIS A 346 -7.18 -6.04 -12.26
C HIS A 346 -7.52 -4.63 -11.80
N ILE A 347 -8.68 -4.12 -12.16
CA ILE A 347 -9.16 -2.80 -11.70
C ILE A 347 -10.52 -2.94 -11.02
N ALA A 348 -10.69 -4.04 -10.29
CA ALA A 348 -11.83 -4.19 -9.45
C ALA A 348 -12.02 -3.02 -8.49
N PHE A 349 -10.97 -2.30 -8.16
CA PHE A 349 -11.09 -1.15 -7.24
C PHE A 349 -10.94 0.19 -7.99
N GLY A 350 -11.10 0.11 -9.31
CA GLY A 350 -10.93 1.28 -10.13
C GLY A 350 -9.48 1.64 -10.35
N HIS A 351 -9.24 2.90 -10.69
CA HIS A 351 -7.94 3.36 -11.09
C HIS A 351 -7.89 4.86 -11.03
N GLY A 352 -6.69 5.39 -11.11
CA GLY A 352 -6.47 6.82 -11.19
C GLY A 352 -6.92 7.52 -9.92
N ALA A 353 -7.27 8.79 -10.07
CA ALA A 353 -7.70 9.62 -8.98
C ALA A 353 -8.77 9.00 -8.11
N HIS A 354 -9.83 8.45 -8.69
CA HIS A 354 -10.98 7.96 -7.88
C HIS A 354 -10.88 6.47 -7.46
N HIS A 355 -9.67 5.91 -7.55
CA HIS A 355 -9.35 4.60 -7.00
C HIS A 355 -9.95 4.42 -5.61
N CYS A 356 -10.47 3.22 -5.34
CA CYS A 356 -11.27 3.00 -4.13
C CYS A 356 -10.51 3.39 -2.87
N ILE A 357 -11.13 4.25 -2.07
CA ILE A 357 -10.57 4.68 -0.78
C ILE A 357 -10.51 3.55 0.21
N GLY A 358 -11.41 2.59 0.10
CA GLY A 358 -11.50 1.52 1.08
C GLY A 358 -10.94 0.20 0.57
N ALA A 359 -10.21 0.26 -0.55
CA ALA A 359 -9.57 -0.93 -1.16
C ALA A 359 -8.88 -1.88 -0.17
N GLN A 360 -8.14 -1.35 0.79
CA GLN A 360 -7.38 -2.22 1.68
C GLN A 360 -8.29 -2.79 2.77
N LEU A 361 -9.20 -1.97 3.27
CA LEU A 361 -10.11 -2.43 4.27
C LEU A 361 -10.94 -3.55 3.63
N GLY A 362 -11.19 -3.43 2.33
CA GLY A 362 -11.97 -4.41 1.60
C GLY A 362 -11.25 -5.73 1.51
N ARG A 363 -9.96 -5.66 1.16
CA ARG A 363 -9.05 -6.82 1.17
C ARG A 363 -8.91 -7.46 2.56
N LEU A 364 -8.79 -6.63 3.60
CA LEU A 364 -8.76 -7.10 4.99
C LEU A 364 -10.01 -7.95 5.30
N GLU A 365 -11.17 -7.41 4.99
CA GLU A 365 -12.42 -8.07 5.26
C GLU A 365 -12.44 -9.41 4.62
N LEU A 366 -12.11 -9.45 3.34
CA LEU A 366 -12.28 -10.67 2.58
C LEU A 366 -11.21 -11.71 2.88
N GLN A 367 -10.00 -11.23 3.19
CA GLN A 367 -8.93 -12.12 3.69
C GLN A 367 -9.30 -12.82 4.97
N GLU A 368 -9.78 -12.07 5.96
CA GLU A 368 -10.01 -12.63 7.28
C GLU A 368 -11.28 -13.51 7.32
N ALA A 369 -12.30 -13.08 6.59
CA ALA A 369 -13.50 -13.86 6.44
C ALA A 369 -13.13 -15.23 5.86
N LEU A 370 -12.43 -15.23 4.72
CA LEU A 370 -12.15 -16.50 4.02
C LEU A 370 -11.23 -17.33 4.86
N SER A 371 -10.23 -16.69 5.43
CA SER A 371 -9.27 -17.47 6.14
C SER A 371 -9.91 -18.11 7.40
N ALA A 372 -10.81 -17.38 8.06
CA ALA A 372 -11.61 -17.91 9.19
C ALA A 372 -12.47 -19.09 8.78
N LEU A 373 -13.25 -18.93 7.72
CA LEU A 373 -14.07 -20.02 7.20
C LEU A 373 -13.23 -21.25 6.85
N VAL A 374 -12.02 -21.04 6.36
CA VAL A 374 -11.14 -22.15 6.00
C VAL A 374 -10.57 -22.86 7.22
N ARG A 375 -10.06 -22.12 8.21
CA ARG A 375 -9.58 -22.76 9.45
C ARG A 375 -10.70 -23.51 10.14
N ARG A 376 -11.82 -22.83 10.39
CA ARG A 376 -12.90 -23.32 11.24
C ARG A 376 -13.83 -24.28 10.51
N PHE A 377 -14.09 -24.08 9.22
CA PHE A 377 -15.05 -24.92 8.49
C PHE A 377 -14.47 -25.56 7.21
N PRO A 378 -13.48 -26.44 7.39
CA PRO A 378 -12.96 -27.14 6.24
C PRO A 378 -14.02 -28.00 5.54
N THR A 379 -15.15 -28.23 6.20
CA THR A 379 -16.28 -29.00 5.64
C THR A 379 -17.41 -28.11 5.06
N LEU A 380 -17.20 -26.80 5.03
CA LEU A 380 -18.18 -25.86 4.47
C LEU A 380 -18.73 -26.33 3.14
N ASP A 381 -20.05 -26.26 2.99
CA ASP A 381 -20.67 -26.50 1.70
C ASP A 381 -22.00 -25.77 1.52
N LEU A 382 -22.33 -25.50 0.28
CA LEU A 382 -23.55 -24.79 -0.06
C LEU A 382 -24.66 -25.75 0.26
N ALA A 383 -25.70 -25.25 0.92
CA ALA A 383 -26.76 -26.09 1.44
C ALA A 383 -28.11 -25.63 0.91
N GLU A 384 -28.09 -25.16 -0.32
CA GLU A 384 -29.31 -24.98 -1.09
C GLU A 384 -28.93 -25.20 -2.56
N PRO A 385 -29.92 -25.54 -3.40
CA PRO A 385 -29.60 -25.67 -4.83
C PRO A 385 -29.28 -24.33 -5.47
N VAL A 386 -28.28 -24.34 -6.33
CA VAL A 386 -27.72 -23.13 -6.99
C VAL A 386 -28.73 -22.43 -7.86
N ALA A 387 -29.40 -23.24 -8.69
CA ALA A 387 -30.44 -22.73 -9.58
C ALA A 387 -31.42 -21.80 -8.84
N GLY A 388 -31.71 -22.12 -7.58
CA GLY A 388 -32.73 -21.45 -6.78
C GLY A 388 -32.23 -20.25 -5.99
N LEU A 389 -30.92 -20.04 -5.97
CA LEU A 389 -30.34 -18.96 -5.18
C LEU A 389 -31.01 -17.60 -5.36
N LYS A 390 -31.27 -16.92 -4.25
CA LYS A 390 -31.87 -15.59 -4.20
C LYS A 390 -30.89 -14.44 -4.58
N TRP A 391 -30.53 -14.36 -5.85
CA TRP A 391 -29.69 -13.25 -6.31
C TRP A 391 -30.44 -11.93 -6.17
N LYS A 392 -29.81 -10.91 -5.59
CA LYS A 392 -30.38 -9.57 -5.61
C LYS A 392 -30.62 -9.16 -7.04
N GLN A 393 -31.50 -8.20 -7.27
CA GLN A 393 -31.67 -7.65 -8.62
C GLN A 393 -30.55 -6.65 -8.75
N GLY A 394 -29.46 -7.08 -9.36
CA GLY A 394 -28.20 -6.40 -9.14
C GLY A 394 -27.86 -5.32 -10.15
N MET A 395 -28.78 -4.40 -10.41
CA MET A 395 -28.48 -3.35 -11.39
C MET A 395 -27.20 -2.59 -11.04
N LEU A 396 -27.05 -2.28 -9.77
CA LEU A 396 -25.82 -1.64 -9.29
C LEU A 396 -24.82 -2.65 -8.77
N ILE A 397 -25.16 -3.31 -7.67
CA ILE A 397 -24.24 -4.23 -7.06
C ILE A 397 -24.82 -5.61 -7.00
N ARG A 398 -24.08 -6.58 -7.54
CA ARG A 398 -24.46 -7.99 -7.40
C ARG A 398 -24.14 -8.56 -6.03
N GLY A 399 -24.96 -9.53 -5.60
CA GLY A 399 -24.85 -10.18 -4.28
C GLY A 399 -26.06 -11.10 -4.01
N LEU A 400 -25.99 -11.89 -2.95
CA LEU A 400 -27.06 -12.81 -2.61
C LEU A 400 -27.89 -12.37 -1.43
N GLU A 401 -29.20 -12.55 -1.50
CA GLU A 401 -30.08 -12.15 -0.42
C GLU A 401 -30.03 -13.16 0.76
N ARG A 402 -29.64 -14.40 0.46
CA ARG A 402 -29.54 -15.48 1.43
C ARG A 402 -28.42 -16.46 1.00
N GLN A 403 -27.75 -17.15 1.95
CA GLN A 403 -26.76 -18.17 1.55
C GLN A 403 -26.59 -19.28 2.61
N ILE A 404 -27.37 -20.35 2.47
CA ILE A 404 -27.38 -21.38 3.50
C ILE A 404 -26.24 -22.33 3.22
N VAL A 405 -25.50 -22.66 4.27
CA VAL A 405 -24.29 -23.46 4.15
C VAL A 405 -24.23 -24.48 5.28
N SER A 406 -23.65 -25.63 4.98
CA SER A 406 -23.57 -26.69 5.95
C SER A 406 -22.12 -26.89 6.36
N TRP A 407 -21.93 -27.69 7.39
CA TRP A 407 -20.59 -28.14 7.79
C TRP A 407 -20.69 -29.33 8.76
N VAL B 14 25.94 18.92 21.71
CA VAL B 14 26.82 20.12 21.55
C VAL B 14 26.68 20.72 20.14
N PRO B 15 27.19 21.95 19.92
CA PRO B 15 27.38 22.33 18.53
C PRO B 15 28.33 21.38 17.72
N ALA B 16 28.02 20.06 17.63
CA ALA B 16 28.80 19.08 16.80
C ALA B 16 28.14 17.68 16.62
N TYR B 17 28.05 17.21 15.37
CA TYR B 17 27.17 16.07 15.03
C TYR B 17 27.62 15.22 13.82
N PRO B 18 27.37 13.88 13.84
CA PRO B 18 26.90 13.01 14.90
C PRO B 18 27.67 13.22 16.17
N PHE B 19 27.01 13.05 17.31
CA PHE B 19 27.62 13.28 18.58
C PHE B 19 28.78 12.31 18.87
N SER B 20 28.57 11.04 18.57
CA SER B 20 29.58 10.00 18.79
C SER B 20 29.62 9.15 17.57
N LEU B 21 30.41 8.09 17.57
CA LEU B 21 30.28 7.09 16.52
C LEU B 21 29.56 5.85 17.07
N PRO B 22 28.65 5.26 16.28
CA PRO B 22 27.67 4.29 16.77
C PRO B 22 28.32 3.04 17.37
N HIS B 23 27.77 2.51 18.45
CA HIS B 23 28.37 1.33 19.08
C HIS B 23 28.00 0.07 18.28
N ALA B 24 26.77 -0.39 18.43
CA ALA B 24 26.38 -1.67 17.79
C ALA B 24 24.87 -1.82 17.82
N LEU B 25 24.19 -1.01 17.01
CA LEU B 25 22.73 -0.83 17.13
C LEU B 25 22.26 -0.04 18.35
N ASP B 26 23.20 0.47 19.16
CA ASP B 26 22.85 1.28 20.32
C ASP B 26 22.56 2.70 19.91
N LEU B 27 21.61 3.33 20.58
CA LEU B 27 21.33 4.73 20.34
C LEU B 27 21.98 5.54 21.47
N ASP B 28 22.52 6.70 21.10
CA ASP B 28 23.28 7.53 22.02
C ASP B 28 22.34 8.07 23.11
N PRO B 29 22.72 7.90 24.38
CA PRO B 29 21.86 8.41 25.45
C PRO B 29 21.54 9.90 25.38
N HIS B 30 22.27 10.68 24.59
CA HIS B 30 21.98 12.09 24.40
C HIS B 30 20.68 12.33 23.62
N TYR B 31 20.21 11.31 22.92
CA TYR B 31 18.95 11.41 22.20
C TYR B 31 17.82 11.43 23.23
N ALA B 32 17.79 10.44 24.13
CA ALA B 32 16.76 10.43 25.16
C ALA B 32 16.71 11.78 25.87
N GLU B 33 17.88 12.37 26.19
CA GLU B 33 17.91 13.66 26.88
C GLU B 33 17.38 14.82 26.05
N LEU B 34 17.74 14.85 24.77
CA LEU B 34 17.20 15.89 23.88
C LEU B 34 15.67 15.94 23.84
N ARG B 35 15.04 14.77 23.79
CA ARG B 35 13.59 14.70 23.63
C ARG B 35 12.86 15.30 24.85
N ARG B 36 13.46 15.11 26.03
CA ARG B 36 12.92 15.63 27.29
C ARG B 36 13.12 17.14 27.38
N ASP B 37 14.37 17.59 27.18
CA ASP B 37 14.80 18.96 27.49
C ASP B 37 14.94 19.89 26.28
N GLU B 38 15.38 19.35 25.14
CA GLU B 38 15.51 20.18 23.94
C GLU B 38 15.26 19.42 22.61
N PRO B 39 13.97 19.20 22.27
CA PRO B 39 13.58 18.37 21.12
C PRO B 39 13.88 18.97 19.74
N VAL B 40 14.36 20.20 19.72
CA VAL B 40 14.98 20.80 18.54
C VAL B 40 16.18 21.60 19.04
N SER B 41 17.34 21.31 18.48
CA SER B 41 18.62 21.74 19.04
C SER B 41 19.60 22.01 17.91
N ARG B 42 20.51 22.97 18.11
CA ARG B 42 21.51 23.24 17.10
C ARG B 42 22.60 22.18 17.13
N VAL B 43 23.24 21.97 15.98
CA VAL B 43 24.44 21.13 15.88
C VAL B 43 25.25 21.61 14.67
N ARG B 44 26.53 21.28 14.61
CA ARG B 44 27.33 21.60 13.42
C ARG B 44 27.68 20.30 12.74
N LEU B 45 27.30 20.20 11.48
CA LEU B 45 27.56 19.01 10.71
C LEU B 45 29.00 19.11 10.25
N PRO B 46 29.60 17.98 9.88
CA PRO B 46 30.96 17.99 9.41
C PRO B 46 31.28 18.95 8.26
N TYR B 47 30.28 19.42 7.52
CA TYR B 47 30.56 20.30 6.39
C TYR B 47 29.54 21.37 6.22
N GLY B 48 29.86 22.37 5.39
CA GLY B 48 28.95 23.47 5.15
C GLY B 48 29.28 24.70 5.98
N GLU B 49 28.24 25.43 6.37
CA GLU B 49 28.42 26.64 7.18
C GLU B 49 27.26 26.81 8.15
N GLY B 50 27.43 27.73 9.10
CA GLY B 50 26.40 28.01 10.09
C GLY B 50 26.16 26.84 11.01
N THR B 51 24.93 26.35 11.03
CA THR B 51 24.56 25.22 11.88
C THR B 51 23.41 24.42 11.26
N ALA B 52 22.67 23.71 12.10
CA ALA B 52 21.55 22.90 11.65
C ALA B 52 20.61 22.56 12.80
N TRP B 53 19.32 22.46 12.49
CA TRP B 53 18.32 22.15 13.50
C TRP B 53 18.10 20.67 13.59
N LEU B 54 18.59 20.07 14.66
CA LEU B 54 18.45 18.64 14.87
C LEU B 54 17.07 18.30 15.45
N VAL B 55 16.24 17.65 14.65
CA VAL B 55 14.90 17.28 15.08
C VAL B 55 14.91 15.82 15.57
N THR B 56 14.45 15.62 16.81
CA THR B 56 14.56 14.32 17.50
C THR B 56 13.24 13.65 17.91
N ARG B 57 12.10 14.32 17.70
CA ARG B 57 10.79 13.81 18.17
C ARG B 57 9.72 13.62 17.06
N MET B 58 8.78 12.71 17.31
CA MET B 58 7.96 12.19 16.21
C MET B 58 7.18 13.23 15.46
N SER B 59 6.35 13.99 16.16
CA SER B 59 5.45 14.92 15.46
C SER B 59 6.26 16.00 14.70
N ASP B 60 7.27 16.57 15.35
CA ASP B 60 8.13 17.56 14.69
C ASP B 60 8.65 16.95 13.42
N ALA B 61 9.26 15.78 13.56
CA ALA B 61 9.77 15.00 12.43
C ALA B 61 8.73 14.97 11.30
N ARG B 62 7.50 14.55 11.63
CA ARG B 62 6.40 14.46 10.64
C ARG B 62 6.07 15.81 10.01
N ILE B 63 6.23 16.90 10.75
CA ILE B 63 6.14 18.23 10.16
C ILE B 63 7.29 18.51 9.18
N VAL B 64 8.53 18.29 9.59
CA VAL B 64 9.64 18.66 8.70
C VAL B 64 9.66 17.86 7.39
N LEU B 65 9.45 16.54 7.47
CA LEU B 65 9.33 15.69 6.27
C LEU B 65 7.98 15.82 5.54
N GLY B 66 6.92 16.02 6.31
CA GLY B 66 5.59 16.06 5.73
C GLY B 66 5.32 17.32 4.94
N ASP B 67 5.58 18.45 5.59
CA ASP B 67 5.18 19.79 5.16
C ASP B 67 6.02 20.32 3.99
N SER B 68 5.37 20.85 2.97
CA SER B 68 6.08 21.31 1.77
C SER B 68 6.65 22.72 1.84
N ARG B 69 6.69 23.31 3.03
CA ARG B 69 7.46 24.55 3.23
C ARG B 69 8.89 24.24 3.62
N PHE B 70 9.35 23.05 3.26
CA PHE B 70 10.74 22.69 3.37
C PHE B 70 11.21 22.22 2.02
N SER B 71 12.50 22.43 1.76
CA SER B 71 13.10 22.08 0.48
C SER B 71 14.31 21.20 0.71
N THR B 72 14.53 20.27 -0.21
CA THR B 72 15.76 19.52 -0.24
C THR B 72 16.63 20.17 -1.31
N ALA B 73 16.02 20.57 -2.42
CA ALA B 73 16.80 21.24 -3.48
C ALA B 73 17.65 22.37 -2.91
N ALA B 74 17.06 23.13 -1.97
CA ALA B 74 17.78 24.21 -1.29
C ALA B 74 19.04 23.70 -0.56
N ALA B 75 19.00 22.46 -0.06
CA ALA B 75 20.15 21.84 0.60
C ALA B 75 21.24 21.31 -0.33
N THR B 76 21.16 21.62 -1.63
CA THR B 76 22.20 21.21 -2.56
C THR B 76 23.10 22.36 -2.96
N ASP B 77 23.31 23.36 -2.12
CA ASP B 77 24.33 24.33 -2.49
C ASP B 77 25.46 24.26 -1.47
N PRO B 78 26.70 24.42 -1.96
CA PRO B 78 27.87 24.09 -1.15
C PRO B 78 27.81 24.61 0.29
N ALA B 79 27.14 25.74 0.50
CA ALA B 79 27.14 26.41 1.83
C ALA B 79 26.31 25.70 2.92
N THR B 80 25.40 24.80 2.53
CA THR B 80 24.46 24.27 3.51
C THR B 80 25.05 23.02 4.17
N PRO B 81 24.87 22.89 5.49
CA PRO B 81 25.49 21.80 6.23
C PRO B 81 25.15 20.38 5.71
N ARG B 82 26.19 19.54 5.68
CA ARG B 82 26.11 18.23 5.09
C ARG B 82 27.13 17.26 5.70
N MET B 83 26.97 15.99 5.36
CA MET B 83 27.71 14.89 5.99
C MET B 83 28.95 14.53 5.21
N PHE B 84 28.78 14.35 3.90
CA PHE B 84 29.88 14.05 2.98
C PHE B 84 30.64 15.35 2.70
N PRO B 85 31.94 15.26 2.40
CA PRO B 85 32.67 16.49 2.05
C PRO B 85 32.08 17.11 0.80
N THR B 86 31.90 16.29 -0.23
CA THR B 86 31.33 16.67 -1.53
C THR B 86 29.86 17.15 -1.43
N PRO B 87 29.52 18.27 -2.06
CA PRO B 87 28.11 18.68 -2.07
C PRO B 87 27.28 17.76 -2.96
N PRO B 88 26.01 17.52 -2.58
CA PRO B 88 25.09 16.60 -3.32
C PRO B 88 24.75 17.01 -4.74
N GLU B 89 24.75 16.05 -5.67
CA GLU B 89 24.26 16.34 -7.02
C GLU B 89 22.77 16.61 -6.97
N PRO B 90 22.31 17.65 -7.69
CA PRO B 90 20.95 18.13 -7.63
C PRO B 90 20.01 17.44 -8.61
N ASP B 91 20.50 16.49 -9.39
CA ASP B 91 19.63 15.75 -10.28
C ASP B 91 19.20 14.45 -9.59
N GLY B 92 19.62 14.26 -8.33
CA GLY B 92 19.24 13.09 -7.52
C GLY B 92 17.88 13.25 -6.86
N VAL B 93 17.12 12.14 -6.79
CA VAL B 93 15.68 12.12 -6.40
C VAL B 93 15.40 12.89 -5.11
N LEU B 94 16.23 12.60 -4.12
CA LEU B 94 16.08 13.19 -2.81
C LEU B 94 16.28 14.70 -2.86
N ALA B 95 17.03 15.17 -3.86
CA ALA B 95 17.45 16.56 -3.97
C ALA B 95 16.53 17.42 -4.83
N GLN B 96 15.34 16.92 -5.12
CA GLN B 96 14.42 17.60 -6.04
C GLN B 96 13.12 17.94 -5.36
N ASP B 97 12.50 19.03 -5.77
CA ASP B 97 11.38 19.60 -5.05
C ASP B 97 10.14 19.46 -5.91
N PRO B 98 8.95 19.57 -5.28
CA PRO B 98 7.62 19.29 -5.80
C PRO B 98 7.28 19.43 -7.26
N PRO B 99 7.46 20.61 -7.87
CA PRO B 99 7.02 20.48 -9.27
C PRO B 99 7.76 19.28 -9.92
N ASP B 100 9.09 19.34 -9.93
CA ASP B 100 9.90 18.33 -10.59
C ASP B 100 9.77 16.96 -9.92
N HIS B 101 10.00 16.93 -8.61
CA HIS B 101 9.92 15.71 -7.83
C HIS B 101 8.58 14.99 -7.97
N THR B 102 7.48 15.73 -7.94
CA THR B 102 6.16 15.12 -8.09
C THR B 102 6.03 14.38 -9.42
N ARG B 103 6.32 15.07 -10.53
CA ARG B 103 6.31 14.45 -11.85
C ARG B 103 7.01 13.09 -11.76
N LEU B 104 8.16 13.09 -11.09
CA LEU B 104 9.04 11.92 -11.07
C LEU B 104 8.43 10.75 -10.30
N ARG B 105 7.85 11.04 -9.14
CA ARG B 105 7.20 10.02 -8.30
C ARG B 105 5.94 9.47 -8.95
N ARG B 106 5.21 10.35 -9.63
CA ARG B 106 4.01 9.94 -10.32
C ARG B 106 4.36 9.00 -11.47
N LEU B 107 5.36 9.35 -12.26
CA LEU B 107 5.78 8.48 -13.34
C LEU B 107 6.33 7.13 -12.85
N VAL B 108 7.22 7.17 -11.86
CA VAL B 108 7.83 5.95 -11.30
C VAL B 108 6.79 5.13 -10.52
N GLY B 109 5.89 5.81 -9.82
CA GLY B 109 4.75 5.15 -9.18
C GLY B 109 3.82 4.40 -10.12
N LYS B 110 3.95 4.62 -11.43
CA LYS B 110 3.19 3.86 -12.41
C LYS B 110 3.81 2.50 -12.74
N ALA B 111 5.08 2.34 -12.42
CA ALA B 111 5.83 1.11 -12.69
C ALA B 111 6.19 0.33 -11.39
N PHE B 112 6.73 1.05 -10.42
CA PHE B 112 6.97 0.51 -9.08
C PHE B 112 5.65 0.52 -8.29
N THR B 113 4.72 -0.38 -8.56
CA THR B 113 3.42 -0.35 -7.84
C THR B 113 3.34 -1.38 -6.74
N ALA B 114 2.51 -1.13 -5.74
CA ALA B 114 2.31 -2.13 -4.68
C ALA B 114 1.98 -3.54 -5.26
N ARG B 115 1.17 -3.63 -6.31
CA ARG B 115 0.91 -4.91 -6.97
C ARG B 115 2.20 -5.55 -7.51
N ARG B 116 3.06 -4.74 -8.11
CA ARG B 116 4.23 -5.32 -8.76
C ARG B 116 5.12 -5.93 -7.69
N VAL B 117 5.26 -5.23 -6.58
CA VAL B 117 6.09 -5.69 -5.50
C VAL B 117 5.47 -6.94 -4.92
N GLU B 118 4.17 -6.92 -4.67
CA GLU B 118 3.58 -8.07 -3.98
C GLU B 118 3.73 -9.29 -4.88
N GLU B 119 3.71 -9.09 -6.19
CA GLU B 119 3.81 -10.21 -7.09
C GLU B 119 5.17 -10.86 -7.16
N MET B 120 6.17 -10.23 -6.60
CA MET B 120 7.50 -10.80 -6.46
C MET B 120 7.57 -11.92 -5.43
N ARG B 121 6.62 -11.93 -4.49
CA ARG B 121 6.75 -12.77 -3.33
C ARG B 121 7.09 -14.25 -3.62
N PRO B 122 6.43 -14.89 -4.57
CA PRO B 122 6.87 -16.26 -4.78
C PRO B 122 8.31 -16.39 -5.27
N ARG B 123 8.69 -15.56 -6.21
CA ARG B 123 10.01 -15.68 -6.79
C ARG B 123 11.09 -15.29 -5.75
N VAL B 124 10.88 -14.19 -5.06
CA VAL B 124 11.69 -13.89 -3.89
C VAL B 124 11.81 -15.09 -2.89
N ARG B 125 10.69 -15.65 -2.47
CA ARG B 125 10.68 -16.80 -1.58
C ARG B 125 11.62 -17.92 -2.13
N SER B 126 11.44 -18.36 -3.37
CA SER B 126 12.41 -19.35 -3.87
C SER B 126 13.84 -18.82 -4.06
N LEU B 127 14.03 -17.52 -4.27
CA LEU B 127 15.41 -17.00 -4.21
C LEU B 127 16.07 -17.28 -2.85
N VAL B 128 15.48 -16.83 -1.74
CA VAL B 128 15.94 -17.23 -0.39
C VAL B 128 16.12 -18.74 -0.24
N ASP B 129 15.07 -19.52 -0.54
CA ASP B 129 15.16 -20.96 -0.28
C ASP B 129 16.36 -21.51 -0.96
N SER B 130 16.58 -21.04 -2.19
CA SER B 130 17.73 -21.45 -2.97
C SER B 130 19.08 -20.98 -2.36
N LEU B 131 19.11 -19.79 -1.78
CA LEU B 131 20.29 -19.37 -1.07
C LEU B 131 20.50 -20.18 0.24
N LEU B 132 19.43 -20.45 0.98
CA LEU B 132 19.59 -21.25 2.18
C LEU B 132 20.01 -22.68 1.84
N ASP B 133 19.68 -23.16 0.63
CA ASP B 133 20.15 -24.48 0.18
C ASP B 133 21.67 -24.53 0.06
N ASP B 134 22.27 -23.52 -0.57
CA ASP B 134 23.73 -23.48 -0.63
C ASP B 134 24.32 -23.54 0.78
N MET B 135 23.78 -22.73 1.67
CA MET B 135 24.23 -22.70 3.05
C MET B 135 24.22 -24.09 3.69
N VAL B 136 23.13 -24.83 3.48
CA VAL B 136 22.97 -26.15 4.09
C VAL B 136 24.01 -27.06 3.52
N ALA B 137 24.11 -27.08 2.19
CA ALA B 137 25.16 -27.81 1.47
C ALA B 137 26.55 -27.58 2.05
N HIS B 138 26.83 -26.33 2.44
CA HIS B 138 28.11 -25.96 2.96
C HIS B 138 28.36 -26.59 4.34
N GLY B 139 27.38 -26.55 5.22
CA GLY B 139 27.57 -27.07 6.56
C GLY B 139 27.78 -25.99 7.60
N SER B 140 27.71 -26.44 8.84
CA SER B 140 26.80 -25.87 9.81
C SER B 140 27.25 -24.82 10.80
N PRO B 141 28.44 -24.29 10.60
CA PRO B 141 28.58 -22.82 10.86
C PRO B 141 28.77 -22.27 9.48
N ALA B 142 28.46 -20.97 9.34
CA ALA B 142 28.41 -20.26 8.04
C ALA B 142 28.22 -18.75 8.21
N ASP B 143 28.84 -18.00 7.30
CA ASP B 143 28.74 -16.54 7.34
C ASP B 143 27.45 -16.13 6.69
N LEU B 144 26.50 -15.71 7.51
CA LEU B 144 25.20 -15.30 6.97
C LEU B 144 25.32 -14.13 5.98
N VAL B 145 26.33 -13.26 6.16
CA VAL B 145 26.50 -12.14 5.27
C VAL B 145 26.85 -12.60 3.86
N GLU B 146 27.76 -13.55 3.70
CA GLU B 146 28.15 -13.95 2.35
C GLU B 146 27.15 -14.89 1.70
N PHE B 147 26.49 -15.74 2.50
CA PHE B 147 25.50 -16.69 1.96
C PHE B 147 24.12 -16.07 1.67
N LEU B 148 23.78 -14.98 2.37
CA LEU B 148 22.41 -14.47 2.38
C LEU B 148 22.28 -12.95 2.28
N ALA B 149 22.77 -12.23 3.28
CA ALA B 149 22.54 -10.79 3.33
C ALA B 149 23.01 -10.11 2.05
N VAL B 150 24.13 -10.56 1.51
CA VAL B 150 24.69 -9.96 0.33
C VAL B 150 24.07 -10.51 -0.97
N PRO B 151 24.12 -11.82 -1.21
CA PRO B 151 23.53 -12.24 -2.48
C PRO B 151 22.04 -11.92 -2.68
N PHE B 152 21.25 -11.86 -1.60
CA PHE B 152 19.76 -11.86 -1.69
C PHE B 152 19.20 -10.61 -2.28
N PRO B 153 19.54 -9.42 -1.72
CA PRO B 153 19.07 -8.14 -2.29
C PRO B 153 19.47 -7.86 -3.76
N VAL B 154 20.65 -8.32 -4.17
CA VAL B 154 21.07 -8.11 -5.55
C VAL B 154 20.32 -9.06 -6.47
N ALA B 155 20.11 -10.30 -6.06
CA ALA B 155 19.31 -11.20 -6.89
C ALA B 155 17.85 -10.69 -7.00
N VAL B 156 17.37 -10.11 -5.91
CA VAL B 156 16.03 -9.53 -5.88
C VAL B 156 15.94 -8.37 -6.86
N ILE B 157 16.86 -7.43 -6.76
CA ILE B 157 16.87 -6.26 -7.64
C ILE B 157 16.98 -6.66 -9.13
N CYS B 158 17.89 -7.58 -9.46
CA CYS B 158 17.96 -8.13 -10.84
C CYS B 158 16.65 -8.80 -11.32
N GLU B 159 16.00 -9.54 -10.44
CA GLU B 159 14.74 -10.11 -10.77
C GLU B 159 13.74 -8.98 -11.09
N LEU B 160 13.75 -7.94 -10.28
CA LEU B 160 12.85 -6.81 -10.47
C LEU B 160 13.17 -5.98 -11.71
N LEU B 161 14.44 -5.77 -12.00
CA LEU B 161 14.81 -5.00 -13.21
C LEU B 161 14.71 -5.82 -14.50
N GLY B 162 14.47 -7.14 -14.36
CA GLY B 162 14.57 -8.06 -15.49
C GLY B 162 15.91 -8.07 -16.20
N VAL B 163 17.02 -8.01 -15.47
CA VAL B 163 18.32 -8.12 -16.15
C VAL B 163 18.46 -9.56 -16.66
N PRO B 164 18.86 -9.71 -17.93
CA PRO B 164 18.89 -11.07 -18.51
C PRO B 164 19.81 -12.00 -17.71
N LEU B 165 19.34 -13.22 -17.47
CA LEU B 165 20.00 -14.21 -16.58
C LEU B 165 21.54 -14.26 -16.71
N GLU B 166 22.06 -14.24 -17.93
CA GLU B 166 23.52 -14.38 -18.16
C GLU B 166 24.33 -13.10 -17.92
N ASP B 167 23.69 -12.02 -17.48
CA ASP B 167 24.41 -10.81 -17.08
C ASP B 167 24.51 -10.60 -15.55
N ARG B 168 23.62 -11.26 -14.80
CA ARG B 168 23.34 -10.89 -13.41
C ARG B 168 24.59 -10.78 -12.55
N ASP B 169 25.69 -11.41 -12.97
CA ASP B 169 26.92 -11.39 -12.19
C ASP B 169 27.69 -10.06 -12.26
N LEU B 170 27.47 -9.30 -13.33
CA LEU B 170 28.08 -7.98 -13.45
C LEU B 170 27.41 -6.98 -12.49
N PHE B 171 26.23 -7.31 -12.00
CA PHE B 171 25.54 -6.47 -11.02
C PHE B 171 26.05 -6.73 -9.62
N ARG B 172 26.34 -8.00 -9.33
CA ARG B 172 26.93 -8.37 -8.05
C ARG B 172 28.18 -7.48 -7.86
N THR B 173 29.00 -7.41 -8.92
CA THR B 173 30.15 -6.50 -9.02
C THR B 173 29.78 -5.06 -8.76
N PHE B 174 28.82 -4.54 -9.53
CA PHE B 174 28.49 -3.14 -9.40
C PHE B 174 28.01 -2.89 -8.00
N SER B 175 27.15 -3.79 -7.52
CA SER B 175 26.62 -3.71 -6.15
C SER B 175 27.74 -3.77 -5.09
N ASP B 176 28.72 -4.66 -5.29
CA ASP B 176 29.86 -4.75 -4.37
C ASP B 176 30.56 -3.39 -4.24
N ALA B 177 30.75 -2.74 -5.37
CA ALA B 177 31.42 -1.47 -5.45
C ALA B 177 30.65 -0.27 -4.86
N MET B 178 29.37 -0.47 -4.51
CA MET B 178 28.55 0.62 -3.99
C MET B 178 28.20 0.41 -2.49
N LEU B 179 28.93 -0.50 -1.86
CA LEU B 179 28.90 -0.67 -0.41
C LEU B 179 29.57 0.55 0.30
N SER B 180 29.56 0.51 1.64
CA SER B 180 30.45 1.36 2.47
C SER B 180 31.73 0.56 2.79
N SER B 181 31.57 -0.76 2.85
CA SER B 181 32.66 -1.71 3.06
C SER B 181 32.99 -2.39 1.73
N THR B 182 34.01 -1.87 1.05
CA THR B 182 34.37 -2.26 -0.32
C THR B 182 35.87 -2.60 -0.46
N ARG B 183 36.18 -3.68 -1.19
CA ARG B 183 37.58 -4.09 -1.42
C ARG B 183 38.29 -3.28 -2.53
N LEU B 184 37.51 -2.61 -3.38
CA LEU B 184 38.04 -1.88 -4.54
C LEU B 184 38.66 -0.55 -4.18
N THR B 185 39.78 -0.21 -4.86
CA THR B 185 40.42 1.11 -4.73
C THR B 185 39.63 2.11 -5.58
N ALA B 186 39.73 3.40 -5.22
CA ALA B 186 39.05 4.49 -5.95
C ALA B 186 39.04 4.33 -7.47
N ALA B 187 40.17 3.90 -8.02
CA ALA B 187 40.32 3.77 -9.48
C ALA B 187 39.45 2.66 -10.04
N GLU B 188 39.36 1.58 -9.29
CA GLU B 188 38.57 0.42 -9.70
C GLU B 188 37.07 0.76 -9.68
N ILE B 189 36.64 1.47 -8.64
CA ILE B 189 35.25 1.94 -8.50
C ILE B 189 34.88 2.82 -9.70
N GLN B 190 35.79 3.70 -10.11
CA GLN B 190 35.58 4.51 -11.31
C GLN B 190 35.28 3.63 -12.50
N ARG B 191 36.12 2.62 -12.71
CA ARG B 191 36.00 1.75 -13.91
C ARG B 191 34.76 0.87 -13.95
N VAL B 192 34.29 0.42 -12.78
CA VAL B 192 33.09 -0.42 -12.73
C VAL B 192 31.84 0.43 -12.94
N GLN B 193 31.80 1.61 -12.33
CA GLN B 193 30.64 2.46 -12.53
C GLN B 193 30.59 3.05 -13.93
N GLN B 194 31.75 3.33 -14.51
CA GLN B 194 31.85 3.64 -15.93
C GLN B 194 31.27 2.49 -16.74
N ASP B 195 31.85 1.32 -16.60
CA ASP B 195 31.43 0.22 -17.44
C ASP B 195 29.98 -0.26 -17.14
N PHE B 196 29.50 0.00 -15.93
CA PHE B 196 28.12 -0.36 -15.55
C PHE B 196 27.10 0.53 -16.22
N MET B 197 27.38 1.84 -16.13
CA MET B 197 26.51 2.87 -16.68
C MET B 197 26.26 2.68 -18.17
N VAL B 198 27.33 2.39 -18.88
CA VAL B 198 27.25 2.03 -20.29
C VAL B 198 26.32 0.84 -20.48
N TYR B 199 26.52 -0.23 -19.69
CA TYR B 199 25.67 -1.41 -19.82
C TYR B 199 24.23 -0.97 -19.62
N MET B 200 23.99 -0.17 -18.58
CA MET B 200 22.63 0.27 -18.23
C MET B 200 21.97 1.08 -19.36
N ASP B 201 22.76 1.85 -20.08
CA ASP B 201 22.26 2.58 -21.23
C ASP B 201 21.65 1.66 -22.29
N GLY B 202 22.36 0.57 -22.56
CA GLY B 202 21.96 -0.39 -23.59
C GLY B 202 20.72 -1.17 -23.21
N LEU B 203 20.67 -1.64 -21.97
CA LEU B 203 19.56 -2.44 -21.48
C LEU B 203 18.29 -1.60 -21.51
N VAL B 204 18.42 -0.35 -21.10
CA VAL B 204 17.27 0.55 -21.10
C VAL B 204 16.84 0.85 -22.53
N ALA B 205 17.80 1.15 -23.38
CA ALA B 205 17.54 1.55 -24.77
C ALA B 205 16.81 0.40 -25.42
N GLN B 206 17.36 -0.79 -25.19
CA GLN B 206 16.75 -2.06 -25.56
C GLN B 206 15.30 -2.19 -25.11
N ARG B 207 15.02 -1.89 -23.84
CA ARG B 207 13.65 -2.01 -23.30
C ARG B 207 12.66 -0.95 -23.82
N ARG B 208 13.17 0.25 -24.11
CA ARG B 208 12.36 1.33 -24.72
C ARG B 208 11.81 0.88 -26.06
N ASP B 209 12.64 0.16 -26.82
CA ASP B 209 12.24 -0.45 -28.10
C ASP B 209 11.28 -1.63 -27.95
N ALA B 210 11.45 -2.44 -26.88
CA ALA B 210 10.64 -3.67 -26.68
C ALA B 210 10.35 -3.95 -25.19
N PRO B 211 9.31 -3.32 -24.63
CA PRO B 211 9.13 -3.40 -23.19
C PRO B 211 8.71 -4.77 -22.68
N THR B 212 9.37 -5.17 -21.60
CA THR B 212 9.25 -6.49 -21.05
C THR B 212 8.55 -6.41 -19.71
N GLU B 213 8.06 -7.55 -19.22
CA GLU B 213 7.15 -7.60 -18.08
C GLU B 213 7.89 -7.43 -16.74
N ASP B 214 8.58 -6.30 -16.57
CA ASP B 214 9.41 -6.02 -15.40
C ASP B 214 9.49 -4.52 -15.12
N LEU B 215 10.33 -4.11 -14.18
CA LEU B 215 10.35 -2.71 -13.77
C LEU B 215 10.79 -1.75 -14.86
N LEU B 216 11.74 -2.16 -15.68
CA LEU B 216 12.23 -1.25 -16.69
C LEU B 216 11.23 -1.17 -17.83
N GLY B 217 10.59 -2.30 -18.14
CA GLY B 217 9.54 -2.32 -19.15
C GLY B 217 8.42 -1.40 -18.75
N ALA B 218 8.13 -1.40 -17.47
CA ALA B 218 7.08 -0.54 -16.94
C ALA B 218 7.52 0.93 -16.95
N LEU B 219 8.80 1.21 -16.73
CA LEU B 219 9.29 2.59 -16.77
C LEU B 219 9.35 3.12 -18.21
N ALA B 220 9.49 2.22 -19.16
CA ALA B 220 9.43 2.60 -20.55
C ALA B 220 8.01 3.04 -20.91
N LEU B 221 7.02 2.28 -20.46
CA LEU B 221 5.62 2.51 -20.83
C LEU B 221 4.87 3.46 -19.92
N ALA B 222 5.51 3.96 -18.87
CA ALA B 222 4.81 4.84 -17.91
C ALA B 222 4.46 6.17 -18.57
N THR B 223 3.21 6.59 -18.43
CA THR B 223 2.75 7.89 -18.92
C THR B 223 1.97 8.58 -17.81
N ASP B 224 1.85 9.90 -17.93
CA ASP B 224 0.99 10.72 -17.06
C ASP B 224 0.47 11.87 -17.94
N ASN B 225 -0.57 11.52 -18.71
CA ASN B 225 -1.17 12.38 -19.71
C ASN B 225 -0.13 12.84 -20.69
N ASP B 226 0.33 11.93 -21.54
CA ASP B 226 1.35 12.26 -22.58
C ASP B 226 2.72 12.67 -22.06
N ASP B 227 2.89 12.76 -20.74
CA ASP B 227 4.22 12.96 -20.17
C ASP B 227 4.81 11.57 -19.93
N HIS B 228 6.12 11.43 -20.03
CA HIS B 228 6.76 10.14 -19.84
C HIS B 228 8.24 10.27 -19.53
N LEU B 229 8.94 9.15 -19.35
CA LEU B 229 10.32 9.23 -18.91
C LEU B 229 11.27 9.14 -20.07
N THR B 230 12.37 9.87 -19.96
CA THR B 230 13.44 9.82 -20.93
C THR B 230 14.32 8.60 -20.67
N LYS B 231 15.02 8.14 -21.69
CA LYS B 231 16.00 7.04 -21.55
C LYS B 231 17.00 7.36 -20.45
N GLY B 232 17.40 8.64 -20.34
CA GLY B 232 18.41 9.03 -19.35
C GLY B 232 17.91 8.95 -17.94
N GLU B 233 16.64 9.31 -17.77
CA GLU B 233 16.01 9.39 -16.46
C GLU B 233 15.73 8.02 -15.89
N ILE B 234 15.34 7.12 -16.79
CA ILE B 234 15.07 5.73 -16.41
C ILE B 234 16.38 5.09 -15.97
N VAL B 235 17.46 5.31 -16.74
CA VAL B 235 18.79 4.84 -16.36
C VAL B 235 19.15 5.36 -15.01
N ASN B 236 18.96 6.66 -14.84
CA ASN B 236 19.30 7.34 -13.63
C ASN B 236 18.53 6.66 -12.49
N MET B 237 17.27 6.33 -12.75
CA MET B 237 16.42 5.69 -11.73
C MET B 237 16.82 4.26 -11.38
N GLY B 238 17.16 3.46 -12.39
CA GLY B 238 17.54 2.08 -12.21
C GLY B 238 18.73 2.10 -11.30
N VAL B 239 19.75 2.85 -11.69
CA VAL B 239 20.97 2.98 -10.90
C VAL B 239 20.68 3.47 -9.47
N SER B 240 19.86 4.51 -9.31
CA SER B 240 19.47 4.97 -7.96
C SER B 240 18.81 3.84 -7.14
N LEU B 241 17.85 3.16 -7.75
CA LEU B 241 17.15 2.10 -7.05
C LEU B 241 18.07 0.94 -6.65
N LEU B 242 19.11 0.69 -7.43
CA LEU B 242 20.00 -0.42 -7.17
C LEU B 242 20.98 -0.12 -6.03
N ILE B 243 21.42 1.12 -5.92
CA ILE B 243 22.32 1.53 -4.85
C ILE B 243 21.54 1.69 -3.54
N ALA B 244 20.42 2.39 -3.61
CA ALA B 244 19.61 2.58 -2.43
C ALA B 244 19.29 1.22 -1.88
N GLY B 245 18.82 0.35 -2.76
CA GLY B 245 18.22 -0.91 -2.36
C GLY B 245 19.21 -1.96 -1.90
N HIS B 246 20.46 -1.80 -2.28
CA HIS B 246 21.47 -2.78 -1.93
C HIS B 246 21.93 -2.62 -0.48
N GLU B 247 22.58 -1.51 -0.18
CA GLU B 247 23.37 -1.42 1.04
C GLU B 247 22.52 -1.48 2.28
N THR B 248 21.35 -0.84 2.25
CA THR B 248 20.44 -0.89 3.40
C THR B 248 19.81 -2.25 3.58
N SER B 249 19.52 -2.92 2.50
CA SER B 249 18.86 -4.20 2.59
C SER B 249 19.79 -5.28 3.11
N VAL B 250 21.04 -5.28 2.65
CA VAL B 250 21.99 -6.24 3.16
C VAL B 250 22.27 -5.92 4.62
N ASN B 251 22.33 -4.65 4.98
CA ASN B 251 22.55 -4.34 6.37
C ASN B 251 21.37 -4.61 7.24
N GLN B 252 20.16 -4.30 6.75
CA GLN B 252 18.96 -4.52 7.59
C GLN B 252 18.66 -6.00 7.83
N ILE B 253 19.01 -6.83 6.86
CA ILE B 253 18.95 -8.27 7.05
C ILE B 253 19.88 -8.67 8.20
N THR B 254 21.08 -8.08 8.28
CA THR B 254 22.00 -8.46 9.36
C THR B 254 21.48 -7.91 10.70
N ASN B 255 20.96 -6.68 10.68
CA ASN B 255 20.47 -6.10 11.93
C ASN B 255 19.28 -6.88 12.54
N LEU B 256 18.36 -7.35 11.71
CA LEU B 256 17.20 -8.05 12.22
C LEU B 256 17.61 -9.38 12.85
N VAL B 257 18.50 -10.10 12.16
CA VAL B 257 19.05 -11.34 12.69
C VAL B 257 19.81 -11.07 13.98
N HIS B 258 20.56 -9.95 14.02
CA HIS B 258 21.33 -9.60 15.21
C HIS B 258 20.48 -9.41 16.45
N LEU B 259 19.38 -8.67 16.32
CA LEU B 259 18.42 -8.51 17.43
C LEU B 259 17.69 -9.85 17.75
N LEU B 260 17.23 -10.58 16.73
CA LEU B 260 16.61 -11.91 16.96
C LEU B 260 17.49 -12.87 17.73
N LEU B 261 18.78 -12.86 17.47
CA LEU B 261 19.64 -13.85 18.08
C LEU B 261 20.35 -13.40 19.35
N THR B 262 20.56 -12.10 19.58
CA THR B 262 21.23 -11.65 20.79
C THR B 262 20.32 -11.80 21.98
N GLU B 263 19.02 -11.64 21.79
CA GLU B 263 18.06 -12.04 22.83
C GLU B 263 17.12 -13.12 22.27
N ARG B 264 17.63 -14.36 22.24
CA ARG B 264 16.98 -15.47 21.48
C ARG B 264 15.50 -15.71 21.73
N LYS B 265 15.03 -15.40 22.93
CA LYS B 265 13.61 -15.37 23.22
C LYS B 265 12.83 -14.78 22.04
N ARG B 266 13.34 -13.70 21.48
CA ARG B 266 12.70 -13.05 20.35
C ARG B 266 12.63 -13.97 19.13
N TYR B 267 13.74 -14.58 18.72
CA TYR B 267 13.67 -15.55 17.60
C TYR B 267 12.76 -16.71 17.95
N GLU B 268 12.82 -17.13 19.20
CA GLU B 268 11.95 -18.16 19.67
C GLU B 268 10.48 -17.77 19.55
N SER B 269 10.15 -16.51 19.79
CA SER B 269 8.77 -16.09 19.65
C SER B 269 8.25 -16.25 18.20
N LEU B 270 9.14 -16.15 17.19
CA LEU B 270 8.74 -16.30 15.79
C LEU B 270 8.68 -17.76 15.34
N VAL B 271 9.52 -18.60 15.94
CA VAL B 271 9.47 -20.02 15.67
C VAL B 271 8.16 -20.49 16.20
N ALA B 272 7.78 -20.04 17.39
CA ALA B 272 6.54 -20.46 18.01
C ALA B 272 5.34 -19.94 17.22
N ASP B 273 5.39 -18.69 16.78
CA ASP B 273 4.27 -18.07 16.07
C ASP B 273 4.80 -17.40 14.83
N PRO B 274 4.84 -18.14 13.72
CA PRO B 274 5.40 -17.57 12.49
C PRO B 274 4.57 -16.50 11.85
N ALA B 275 3.31 -16.37 12.21
CA ALA B 275 2.48 -15.30 11.67
C ALA B 275 2.90 -13.95 12.28
N LEU B 276 3.64 -14.01 13.37
CA LEU B 276 4.14 -12.80 14.00
C LEU B 276 5.14 -11.99 13.15
N VAL B 277 5.71 -12.61 12.13
CA VAL B 277 6.89 -12.07 11.46
C VAL B 277 6.70 -10.68 10.86
N PRO B 278 5.64 -10.50 10.07
CA PRO B 278 5.50 -9.18 9.48
C PRO B 278 5.53 -8.04 10.50
N ALA B 279 4.87 -8.27 11.62
CA ALA B 279 4.81 -7.31 12.73
C ALA B 279 6.13 -7.19 13.45
N ALA B 280 6.82 -8.31 13.63
CA ALA B 280 8.21 -8.29 14.09
C ALA B 280 9.15 -7.44 13.23
N VAL B 281 8.96 -7.47 11.89
CA VAL B 281 9.87 -6.70 11.02
C VAL B 281 9.51 -5.23 11.21
N GLU B 282 8.23 -4.94 11.39
CA GLU B 282 7.81 -3.56 11.71
C GLU B 282 8.44 -3.06 13.03
N GLU B 283 8.46 -3.91 14.06
CA GLU B 283 8.99 -3.49 15.36
C GLU B 283 10.48 -3.21 15.19
N MET B 284 11.21 -4.14 14.57
CA MET B 284 12.63 -3.93 14.31
C MET B 284 12.90 -2.83 13.28
N LEU B 285 12.02 -2.53 12.37
CA LEU B 285 12.23 -1.33 11.60
C LEU B 285 12.20 -0.10 12.51
N ARG B 286 11.31 -0.10 13.50
CA ARG B 286 11.21 1.04 14.39
C ARG B 286 12.49 1.13 15.24
N TYR B 287 12.81 0.01 15.86
CA TYR B 287 13.89 -0.07 16.82
C TYR B 287 15.25 0.27 16.25
N THR B 288 15.56 -0.28 15.08
CA THR B 288 16.94 -0.28 14.69
C THR B 288 17.29 1.03 14.00
N PRO B 289 18.35 1.68 14.46
CA PRO B 289 18.86 2.89 13.85
C PRO B 289 19.72 2.59 12.62
N LEU B 290 19.07 2.26 11.53
CA LEU B 290 19.78 1.89 10.33
C LEU B 290 20.58 3.06 9.90
N VAL B 291 19.91 4.21 10.00
CA VAL B 291 20.49 5.50 9.75
C VAL B 291 21.20 6.00 10.99
N SER B 292 22.09 6.96 10.80
CA SER B 292 22.86 7.61 11.84
C SER B 292 23.15 8.84 11.02
N ALA B 293 23.00 10.02 11.58
CA ALA B 293 23.06 11.23 10.74
C ALA B 293 21.76 11.43 10.00
N GLY B 294 20.70 10.79 10.49
CA GLY B 294 19.36 10.99 9.99
C GLY B 294 19.17 11.29 8.52
N SER B 295 18.28 12.24 8.27
CA SER B 295 17.72 12.42 6.96
C SER B 295 18.62 13.24 6.09
N PHE B 296 18.28 13.26 4.82
CA PHE B 296 18.71 14.34 3.96
C PHE B 296 18.22 15.63 4.59
N VAL B 297 18.88 16.71 4.25
CA VAL B 297 18.71 17.97 4.90
C VAL B 297 17.55 18.70 4.25
N ARG B 298 16.65 19.22 5.08
CA ARG B 298 15.53 20.04 4.65
C ARG B 298 15.78 21.49 5.06
N VAL B 299 15.69 22.41 4.11
CA VAL B 299 15.79 23.84 4.37
C VAL B 299 14.41 24.48 4.35
N ALA B 300 14.10 25.37 5.30
CA ALA B 300 12.80 26.06 5.27
C ALA B 300 12.73 27.08 4.13
N THR B 301 11.60 27.14 3.44
CA THR B 301 11.31 28.22 2.49
C THR B 301 10.45 29.32 3.13
N GLU B 302 9.90 29.04 4.32
CA GLU B 302 9.22 30.08 5.14
C GLU B 302 9.08 29.65 6.60
N ASP B 303 8.49 30.51 7.42
CA ASP B 303 8.40 30.24 8.84
C ASP B 303 7.54 29.04 9.11
N VAL B 304 8.04 28.08 9.89
CA VAL B 304 7.24 26.94 10.31
C VAL B 304 7.36 26.75 11.82
N GLU B 305 6.20 26.57 12.47
CA GLU B 305 6.10 26.35 13.93
C GLU B 305 6.33 24.88 14.34
N LEU B 306 7.35 24.64 15.16
CA LEU B 306 7.55 23.31 15.73
C LEU B 306 7.07 23.23 17.18
N SER B 307 7.40 22.10 17.81
CA SER B 307 7.15 21.81 19.24
C SER B 307 7.66 22.77 20.31
N THR B 308 8.92 23.24 20.13
CA THR B 308 9.46 24.27 21.02
C THR B 308 10.22 25.46 20.44
N VAL B 309 10.53 25.43 19.14
CA VAL B 309 11.08 26.62 18.46
C VAL B 309 10.23 26.82 17.22
N THR B 310 10.44 27.90 16.47
CA THR B 310 9.79 27.95 15.15
C THR B 310 10.84 28.26 14.11
N VAL B 311 10.87 27.44 13.08
CA VAL B 311 11.98 27.44 12.14
C VAL B 311 11.72 28.54 11.15
N ARG B 312 12.74 29.37 10.94
CA ARG B 312 12.64 30.54 10.05
C ARG B 312 13.14 30.15 8.69
N ALA B 313 12.71 30.90 7.68
CA ALA B 313 13.07 30.57 6.32
C ALA B 313 14.57 30.54 6.20
N GLY B 314 15.12 29.63 5.40
CA GLY B 314 16.56 29.60 5.13
C GLY B 314 17.38 28.78 6.11
N GLU B 315 16.80 28.44 7.27
CA GLU B 315 17.47 27.58 8.28
C GLU B 315 17.36 26.07 7.98
N PRO B 316 18.49 25.34 7.97
CA PRO B 316 18.40 23.92 7.65
C PRO B 316 18.14 23.03 8.86
N CYS B 317 17.49 21.90 8.59
CA CYS B 317 17.08 20.94 9.60
C CYS B 317 17.38 19.49 9.17
N VAL B 318 17.58 18.64 10.17
CA VAL B 318 17.93 17.24 9.96
C VAL B 318 17.09 16.43 10.91
N VAL B 319 16.20 15.62 10.37
CA VAL B 319 15.34 14.80 11.25
C VAL B 319 16.03 13.49 11.54
N HIS B 320 15.90 13.02 12.76
CA HIS B 320 16.57 11.79 13.17
C HIS B 320 15.53 10.65 13.32
N PHE B 321 15.27 9.99 12.22
CA PHE B 321 14.35 8.86 12.16
C PHE B 321 14.39 7.95 13.38
N ALA B 322 15.59 7.53 13.77
CA ALA B 322 15.75 6.56 14.85
C ALA B 322 15.19 7.05 16.19
N SER B 323 15.41 8.33 16.48
CA SER B 323 15.06 8.94 17.76
C SER B 323 13.56 9.21 17.74
N ALA B 324 13.07 9.67 16.60
CA ALA B 324 11.63 9.78 16.46
C ALA B 324 10.99 8.44 16.83
N ASN B 325 11.57 7.36 16.32
CA ASN B 325 10.97 6.05 16.50
C ASN B 325 11.06 5.53 17.92
N ARG B 326 11.66 6.34 18.80
CA ARG B 326 11.88 6.02 20.21
C ARG B 326 11.04 6.89 21.12
N ASP B 327 10.26 7.78 20.50
CA ASP B 327 9.60 8.88 21.22
C ASP B 327 8.61 8.34 22.23
N GLU B 328 8.85 8.69 23.50
CA GLU B 328 8.14 8.07 24.61
C GLU B 328 6.66 8.52 24.69
N GLU B 329 6.31 9.64 24.06
CA GLU B 329 4.90 9.99 23.90
C GLU B 329 4.18 8.97 23.02
N VAL B 330 4.82 8.59 21.93
CA VAL B 330 4.20 7.80 20.88
C VAL B 330 4.16 6.30 21.13
N PHE B 331 5.31 5.73 21.45
CA PHE B 331 5.44 4.32 21.66
C PHE B 331 5.59 4.04 23.15
N ASP B 332 4.75 3.16 23.66
CA ASP B 332 4.84 2.70 25.03
C ASP B 332 6.02 1.73 25.22
N HIS B 333 6.76 1.85 26.31
CA HIS B 333 7.97 1.05 26.57
C HIS B 333 8.82 0.94 25.29
N ALA B 334 9.28 2.10 24.81
CA ALA B 334 9.84 2.24 23.48
C ALA B 334 11.31 1.84 23.36
N ASP B 335 12.07 1.92 24.44
CA ASP B 335 13.47 1.49 24.39
C ASP B 335 13.53 -0.02 24.45
N GLU B 336 12.37 -0.65 24.58
CA GLU B 336 12.27 -2.09 24.52
C GLU B 336 11.53 -2.62 23.27
N LEU B 337 11.76 -3.88 22.97
CA LEU B 337 11.34 -4.49 21.71
C LEU B 337 10.13 -5.33 21.99
N ASP B 338 8.99 -4.96 21.44
CA ASP B 338 7.82 -5.84 21.61
C ASP B 338 7.06 -6.08 20.33
N PHE B 339 7.03 -7.34 19.92
CA PHE B 339 6.44 -7.72 18.64
C PHE B 339 4.91 -7.66 18.62
N HIS B 340 4.29 -7.68 19.79
CA HIS B 340 2.83 -7.60 19.90
C HIS B 340 2.29 -6.18 20.08
N ARG B 341 3.15 -5.19 19.83
CA ARG B 341 2.73 -3.80 19.81
C ARG B 341 1.58 -3.64 18.80
N GLU B 342 0.46 -3.13 19.28
CA GLU B 342 -0.74 -3.02 18.44
C GLU B 342 -0.66 -1.91 17.42
N ARG B 343 -0.16 -0.77 17.89
CA ARG B 343 -0.04 0.45 17.10
C ARG B 343 1.44 0.76 16.94
N ASN B 344 1.91 0.96 15.71
CA ASN B 344 3.31 1.19 15.46
C ASN B 344 3.52 2.21 14.35
N PRO B 345 3.36 3.49 14.66
CA PRO B 345 3.45 4.54 13.62
C PRO B 345 4.85 4.96 13.26
N HIS B 346 5.76 4.03 13.09
CA HIS B 346 7.20 4.42 12.91
C HIS B 346 7.43 5.14 11.58
N ILE B 347 8.62 5.72 11.43
CA ILE B 347 8.99 6.39 10.17
C ILE B 347 10.39 6.03 9.69
N ALA B 348 10.71 4.75 9.78
CA ALA B 348 11.97 4.19 9.27
C ALA B 348 12.09 4.23 7.77
N PHE B 349 10.97 4.45 7.09
CA PHE B 349 10.99 4.76 5.65
C PHE B 349 10.72 6.25 5.39
N GLY B 350 10.74 7.07 6.44
CA GLY B 350 10.55 8.51 6.29
C GLY B 350 9.08 8.86 6.12
N HIS B 351 8.81 9.92 5.37
CA HIS B 351 7.51 10.54 5.39
C HIS B 351 7.31 11.65 4.36
N GLY B 352 6.10 11.71 3.81
CA GLY B 352 5.74 12.71 2.84
C GLY B 352 6.42 12.52 1.50
N ALA B 353 6.64 13.62 0.79
CA ALA B 353 7.11 13.56 -0.58
C ALA B 353 8.20 12.50 -0.77
N HIS B 354 9.19 12.45 0.12
CA HIS B 354 10.38 11.66 -0.14
C HIS B 354 10.36 10.32 0.55
N HIS B 355 9.23 9.99 1.16
CA HIS B 355 9.00 8.66 1.67
C HIS B 355 9.58 7.58 0.73
N CYS B 356 10.20 6.56 1.34
CA CYS B 356 10.91 5.51 0.62
C CYS B 356 10.09 4.85 -0.47
N ILE B 357 10.62 4.95 -1.69
CA ILE B 357 10.04 4.31 -2.87
C ILE B 357 10.16 2.79 -2.75
N GLY B 358 11.15 2.31 -2.01
CA GLY B 358 11.42 0.86 -1.98
C GLY B 358 10.83 0.17 -0.78
N ALA B 359 10.06 0.92 0.01
CA ALA B 359 9.64 0.47 1.31
C ALA B 359 8.93 -0.89 1.27
N GLN B 360 8.02 -1.09 0.32
CA GLN B 360 7.32 -2.35 0.25
C GLN B 360 8.27 -3.48 -0.14
N LEU B 361 9.22 -3.19 -1.00
CA LEU B 361 10.24 -4.16 -1.36
C LEU B 361 11.18 -4.48 -0.21
N GLY B 362 11.57 -3.46 0.55
CA GLY B 362 12.38 -3.69 1.74
C GLY B 362 11.67 -4.62 2.70
N ARG B 363 10.40 -4.31 2.95
CA ARG B 363 9.55 -5.12 3.78
C ARG B 363 9.41 -6.53 3.25
N LEU B 364 9.29 -6.67 1.94
CA LEU B 364 9.10 -8.00 1.34
C LEU B 364 10.36 -8.84 1.60
N GLU B 365 11.54 -8.27 1.34
CA GLU B 365 12.78 -9.00 1.51
C GLU B 365 12.94 -9.50 2.92
N LEU B 366 12.81 -8.60 3.88
CA LEU B 366 12.91 -8.94 5.28
C LEU B 366 11.86 -9.95 5.71
N GLN B 367 10.64 -9.80 5.23
CA GLN B 367 9.59 -10.73 5.59
C GLN B 367 9.92 -12.15 5.15
N GLU B 368 10.36 -12.25 3.91
CA GLU B 368 10.72 -13.50 3.28
C GLU B 368 12.02 -14.10 3.84
N ALA B 369 13.01 -13.26 4.07
CA ALA B 369 14.25 -13.74 4.65
C ALA B 369 14.02 -14.34 6.07
N LEU B 370 13.41 -13.55 6.95
CA LEU B 370 13.00 -14.08 8.23
C LEU B 370 12.11 -15.31 8.16
N SER B 371 11.09 -15.27 7.34
CA SER B 371 10.15 -16.38 7.30
C SER B 371 10.81 -17.66 6.90
N ALA B 372 11.74 -17.59 5.94
CA ALA B 372 12.58 -18.71 5.53
C ALA B 372 13.50 -19.19 6.66
N LEU B 373 14.12 -18.22 7.35
CA LEU B 373 15.03 -18.55 8.43
C LEU B 373 14.30 -19.28 9.51
N VAL B 374 13.14 -18.79 9.95
CA VAL B 374 12.46 -19.51 11.05
C VAL B 374 11.90 -20.90 10.65
N ARG B 375 11.87 -21.20 9.36
CA ARG B 375 11.14 -22.34 8.84
C ARG B 375 12.10 -23.49 8.69
N ARG B 376 13.26 -23.15 8.13
CA ARG B 376 14.34 -24.08 7.86
C ARG B 376 15.25 -24.23 9.06
N PHE B 377 15.41 -23.17 9.83
CA PHE B 377 16.39 -23.14 10.89
C PHE B 377 15.79 -22.70 12.21
N PRO B 378 14.91 -23.52 12.80
CA PRO B 378 14.45 -23.26 14.16
C PRO B 378 15.60 -23.31 15.19
N THR B 379 16.75 -23.91 14.83
CA THR B 379 17.91 -23.94 15.70
C THR B 379 18.95 -22.80 15.43
N LEU B 380 18.57 -21.80 14.65
CA LEU B 380 19.52 -20.79 14.22
C LEU B 380 20.14 -20.23 15.46
N ASP B 381 21.46 -20.06 15.48
CA ASP B 381 22.07 -19.31 16.60
C ASP B 381 23.37 -18.61 16.23
N LEU B 382 23.65 -17.51 16.93
CA LEU B 382 24.93 -16.84 16.76
C LEU B 382 26.04 -17.80 17.15
N ALA B 383 27.11 -17.79 16.36
CA ALA B 383 28.21 -18.74 16.49
C ALA B 383 29.55 -17.98 16.50
N GLU B 384 29.51 -16.81 17.13
CA GLU B 384 30.57 -15.85 17.07
C GLU B 384 30.37 -15.02 18.29
N PRO B 385 31.45 -14.73 19.02
CA PRO B 385 31.24 -13.87 20.20
C PRO B 385 30.57 -12.55 19.82
N VAL B 386 29.49 -12.21 20.49
CA VAL B 386 28.87 -10.88 20.32
C VAL B 386 29.88 -9.76 20.43
N ALA B 387 30.73 -9.79 21.45
CA ALA B 387 31.64 -8.67 21.70
C ALA B 387 32.72 -8.53 20.62
N GLY B 388 32.88 -9.56 19.79
CA GLY B 388 33.76 -9.51 18.64
C GLY B 388 33.09 -9.22 17.29
N LEU B 389 31.78 -8.95 17.28
CA LEU B 389 31.07 -8.69 16.03
C LEU B 389 31.74 -7.57 15.26
N LYS B 390 31.95 -7.80 13.96
CA LYS B 390 32.62 -6.80 13.12
C LYS B 390 31.59 -5.79 12.58
N TRP B 391 31.22 -4.80 13.38
CA TRP B 391 30.32 -3.75 12.91
C TRP B 391 31.04 -2.91 11.88
N LYS B 392 30.28 -2.42 10.91
CA LYS B 392 30.80 -1.43 9.98
C LYS B 392 31.02 -0.18 10.79
N GLN B 393 32.06 0.56 10.44
CA GLN B 393 32.41 1.76 11.19
C GLN B 393 32.05 2.86 10.21
N GLY B 394 30.99 2.50 9.39
CA GLY B 394 30.15 3.46 8.69
C GLY B 394 29.18 3.90 9.78
N MET B 395 28.95 5.20 9.81
CA MET B 395 28.07 5.86 10.76
C MET B 395 27.09 6.64 9.91
N LEU B 396 26.95 6.20 8.68
CA LEU B 396 25.92 6.67 7.79
C LEU B 396 24.83 5.60 7.82
N ILE B 397 25.27 4.35 7.69
CA ILE B 397 24.38 3.20 7.72
C ILE B 397 25.02 2.07 8.55
N ARG B 398 24.26 1.58 9.51
CA ARG B 398 24.73 0.51 10.38
C ARG B 398 24.49 -0.90 9.81
N GLY B 399 25.43 -1.81 10.08
CA GLY B 399 25.36 -3.17 9.58
C GLY B 399 26.55 -3.97 10.03
N LEU B 400 26.47 -5.28 9.91
CA LEU B 400 27.56 -6.17 10.27
C LEU B 400 28.37 -6.50 9.04
N GLU B 401 29.67 -6.67 9.20
CA GLU B 401 30.52 -7.09 8.09
C GLU B 401 30.61 -8.59 7.94
N ARG B 402 30.41 -9.32 9.04
CA ARG B 402 30.02 -10.72 8.95
C ARG B 402 29.26 -11.11 10.18
N GLN B 403 28.65 -12.29 10.10
CA GLN B 403 27.65 -12.74 11.06
C GLN B 403 27.62 -14.29 10.95
N ILE B 404 28.52 -14.96 11.69
CA ILE B 404 28.63 -16.42 11.65
C ILE B 404 27.51 -17.03 12.49
N VAL B 405 26.74 -17.93 11.90
CA VAL B 405 25.59 -18.48 12.56
C VAL B 405 25.59 -19.98 12.42
N SER B 406 24.90 -20.64 13.36
CA SER B 406 24.88 -22.10 13.44
C SER B 406 23.46 -22.57 13.28
N TRP B 407 23.33 -23.84 12.98
CA TRP B 407 22.04 -24.49 12.93
C TRP B 407 22.37 -25.95 12.94
CHA HEM C . -14.50 3.97 -5.18
CHB HEM C . -14.91 -0.82 -5.74
CHC HEM C . -15.05 -1.24 -0.97
CHD HEM C . -15.48 3.45 -0.50
C1A HEM C . -14.52 2.72 -5.72
C2A HEM C . -14.47 2.46 -7.11
C3A HEM C . -14.60 1.11 -7.26
C4A HEM C . -14.74 0.53 -5.98
CMA HEM C . -14.58 0.33 -8.56
CAA HEM C . -14.27 3.47 -8.23
CBA HEM C . -15.55 3.88 -8.97
CGA HEM C . -15.20 4.69 -10.20
O1A HEM C . -14.01 4.96 -10.49
O2A HEM C . -16.09 5.11 -10.98
C1B HEM C . -14.98 -1.37 -4.46
C2B HEM C . -14.98 -2.76 -4.18
C3B HEM C . -15.00 -2.87 -2.83
C4B HEM C . -15.00 -1.50 -2.31
CMB HEM C . -14.96 -3.86 -5.21
CAB HEM C . -15.10 -4.02 -1.89
CBB HEM C . -15.43 -5.24 -2.26
C1C HEM C . -15.16 -0.02 -0.40
C2C HEM C . -15.18 0.22 0.98
C3C HEM C . -15.32 1.58 1.12
C4C HEM C . -15.38 2.12 -0.19
CMC HEM C . -15.07 -0.85 2.05
CAC HEM C . -15.35 2.38 2.36
CBC HEM C . -15.08 1.90 3.59
C1D HEM C . -15.23 3.94 -1.77
C2D HEM C . -15.16 5.38 -1.99
C3D HEM C . -14.88 5.53 -3.29
C4D HEM C . -14.77 4.18 -3.85
CMD HEM C . -15.35 6.47 -0.97
CAD HEM C . -14.70 6.86 -4.00
CBD HEM C . -13.24 7.31 -3.96
CGD HEM C . -13.03 8.58 -4.76
O1D HEM C . -13.87 9.00 -5.58
O2D HEM C . -11.99 9.25 -4.63
NA HEM C . -14.72 1.52 -5.05
NB HEM C . -14.96 -0.69 -3.31
NC HEM C . -15.26 1.11 -1.09
ND HEM C . -14.96 3.26 -2.90
FE HEM C . -15.00 1.37 -3.11
CLAY CL6 D . -19.33 0.07 -5.88
CAX CL6 D . -19.40 1.57 -6.87
CAV CL6 D . -19.10 1.53 -8.23
CAT CL6 D . -19.15 2.70 -8.97
CAS CL6 D . -19.51 3.89 -8.37
CAU CL6 D . -19.81 3.99 -7.02
CAW CL6 D . -19.76 2.85 -6.22
CAR CL6 D . -20.03 2.65 -4.77
CAC CL6 D . -21.41 2.39 -4.29
CAE CL6 D . -21.99 2.88 -3.12
CAF CL6 D . -23.29 2.51 -2.72
CAD CL6 D . -24.03 1.63 -3.48
CAB CL6 D . -23.47 1.11 -4.63
CAA CL6 D . -22.18 1.47 -5.02
NAO CL6 D . -18.90 2.10 -4.00
CAM CL6 D . -17.60 2.16 -4.35
NAN CL6 D . -16.93 1.48 -3.37
CAQ CL6 D . -17.83 0.97 -2.49
CAP CL6 D . -19.10 1.34 -2.90
CAL CL6 D . -19.92 4.15 -4.37
CAK CL6 D . -18.84 4.69 -3.62
CAI CL6 D . -18.75 6.05 -3.27
CAG CL6 D . -19.73 6.93 -3.66
CAH CL6 D . -20.81 6.45 -4.41
CAJ CL6 D . -20.90 5.10 -4.75
S SO4 E . 0.70 6.78 9.44
O1 SO4 E . -0.54 5.96 9.31
O2 SO4 E . 1.68 5.98 10.22
O3 SO4 E . 1.24 7.21 8.11
O4 SO4 E . 0.41 8.03 10.15
S SO4 F . -26.62 -10.09 -29.78
O1 SO4 F . -27.04 -10.88 -30.97
O2 SO4 F . -25.37 -10.57 -29.38
O3 SO4 F . -26.36 -8.65 -30.17
O4 SO4 F . -27.60 -10.20 -28.71
S SO4 G . -17.86 -20.21 -12.39
O1 SO4 G . -19.07 -20.83 -12.96
O2 SO4 G . -16.81 -21.26 -12.32
O3 SO4 G . -17.41 -19.13 -13.29
O4 SO4 G . -18.17 -19.69 -11.05
S SO4 H . -5.14 -1.91 -6.71
O1 SO4 H . -6.54 -2.33 -6.79
O2 SO4 H . -4.21 -2.99 -6.83
O3 SO4 H . -4.90 -1.06 -7.87
O4 SO4 H . -4.94 -1.23 -5.42
S SO4 I . -12.88 24.58 11.17
O1 SO4 I . -14.35 24.50 10.90
O2 SO4 I . -12.41 23.27 11.64
O3 SO4 I . -12.13 24.98 9.95
O4 SO4 I . -12.58 25.51 12.27
S SO4 J . -3.02 5.43 15.83
O1 SO4 J . -4.50 5.22 15.73
O2 SO4 J . -2.31 4.13 16.04
O3 SO4 J . -2.58 6.14 14.55
O4 SO4 J . -2.68 6.26 17.04
CHA HEM K . 14.28 7.21 0.80
CHB HEM K . 14.79 4.11 4.37
CHC HEM K . 14.92 0.52 1.25
CHD HEM K . 15.04 3.67 -2.38
C1A HEM K . 14.35 6.66 2.04
C2A HEM K . 14.20 7.39 3.26
C3A HEM K . 14.35 6.49 4.27
C4A HEM K . 14.61 5.25 3.67
CMA HEM K . 14.27 6.81 5.74
CAA HEM K . 13.90 8.86 3.41
CBA HEM K . 15.16 9.74 3.28
CGA HEM K . 14.82 11.19 3.58
O1A HEM K . 13.62 11.56 3.56
O2A HEM K . 15.71 12.05 3.84
C1B HEM K . 14.85 2.84 3.84
C2B HEM K . 14.90 1.65 4.64
C3B HEM K . 14.94 0.61 3.78
C4B HEM K . 14.90 1.22 2.43
CMB HEM K . 14.92 1.49 6.15
CAB HEM K . 15.04 -0.78 4.28
CBB HEM K . 15.27 -1.85 3.51
C1C HEM K . 14.95 1.04 -0.04
C2C HEM K . 14.91 0.25 -1.19
C3C HEM K . 14.96 1.16 -2.24
C4C HEM K . 15.01 2.49 -1.69
CMC HEM K . 14.82 -1.28 -1.20
CAC HEM K . 14.90 0.90 -3.68
CBC HEM K . 14.61 -0.29 -4.21
C1D HEM K . 14.83 4.89 -1.76
C2D HEM K . 14.72 6.12 -2.53
C3D HEM K . 14.48 7.11 -1.66
C4D HEM K . 14.47 6.46 -0.35
CMD HEM K . 14.83 6.24 -4.01
CAD HEM K . 14.29 8.60 -1.96
CBD HEM K . 13.12 8.84 -2.93
CGD HEM K . 12.58 10.27 -2.98
O1D HEM K . 13.30 11.29 -2.88
O2D HEM K . 11.37 10.46 -3.17
NA HEM K . 14.63 5.36 2.32
NB HEM K . 14.85 2.54 2.57
NC HEM K . 15.01 2.36 -0.36
ND HEM K . 14.70 5.13 -0.45
FE HEM K . 14.73 3.90 0.99
CLAY CL6 L . 21.32 8.75 0.69
CAX CL6 L . 20.20 8.25 -0.63
CAV CL6 L . 20.14 8.97 -1.84
CAT CL6 L . 19.27 8.58 -2.86
CAS CL6 L . 18.44 7.48 -2.68
CAU CL6 L . 18.46 6.74 -1.50
CAW CL6 L . 19.34 7.06 -0.46
CAR CL6 L . 19.30 6.30 0.80
CAC CL6 L . 19.16 7.01 2.07
CAE CL6 L . 18.97 8.40 2.13
CAF CL6 L . 18.80 9.06 3.31
CAD CL6 L . 18.75 8.36 4.49
CAB CL6 L . 18.88 6.98 4.46
CAA CL6 L . 19.05 6.29 3.26
NAO CL6 L . 18.61 5.03 0.93
CAM CL6 L . 17.29 5.13 0.92
NAN CL6 L . 16.82 3.88 1.02
CAQ CL6 L . 17.89 3.04 1.08
CAP CL6 L . 19.05 3.79 1.01
CAL CL6 L . 20.78 5.83 0.79
CAK CL6 L . 21.60 5.70 1.94
CAI CL6 L . 22.93 5.25 1.88
CAG CL6 L . 23.52 4.92 0.67
CAH CL6 L . 22.75 5.05 -0.49
CAJ CL6 L . 21.42 5.48 -0.42
S SO4 M . 5.08 3.67 6.22
O1 SO4 M . 3.95 2.92 5.69
O2 SO4 M . 6.02 2.73 6.84
O3 SO4 M . 5.77 4.34 5.14
O4 SO4 M . 4.64 4.66 7.21
S SO4 N . -0.84 -1.70 -11.35
O1 SO4 N . -2.01 -2.66 -11.39
O2 SO4 N . 0.39 -2.30 -10.85
O3 SO4 N . -0.61 -1.31 -12.72
O4 SO4 N . -1.10 -0.54 -10.47
S SO4 O . 2.75 -4.31 6.93
O1 SO4 O . 1.32 -4.28 6.57
O2 SO4 O . 3.31 -5.55 6.35
O3 SO4 O . 3.29 -3.08 6.32
O4 SO4 O . 2.93 -4.33 8.41
S SO4 P . 3.34 -6.86 -15.26
O1 SO4 P . 1.93 -7.35 -15.35
O2 SO4 P . 4.20 -8.05 -15.02
O3 SO4 P . 3.72 -6.20 -16.53
O4 SO4 P . 3.45 -5.95 -14.09
#